data_4RGO
#
_entry.id   4RGO
#
_cell.length_a   84.576
_cell.length_b   85.292
_cell.length_c   115.017
_cell.angle_alpha   90.00
_cell.angle_beta   90.00
_cell.angle_gamma   90.00
#
_symmetry.space_group_name_H-M   'P 21 21 21'
#
loop_
_entity.id
_entity.type
_entity.pdbx_description
1 polymer 'Enterotoxin type B'
2 polymer '14G8 heavy chain'
3 polymer '14G8 light chain'
4 non-polymer 'ACETATE ION'
5 water water
#
loop_
_entity_poly.entity_id
_entity_poly.type
_entity_poly.pdbx_seq_one_letter_code
_entity_poly.pdbx_strand_id
1 'polypeptide(L)'
;GSEFGSESQPDPKPDELHKSSKFTGLMENMKVLYDDNHVSAINVKSIDQFLYFDLIYSIKDTKLGNYDNVRVEFKNKDLA
DKYKDKYVDVFGANYYYQCYFSKKTNDINSHQTDKRKTCMYGGVTEHNGNQLDKYRSITVRVFEDGKNLLSFDVQTNKKK
VTAQELDYLTRHYLVKNKKLYEFNNSPYETGYIKFIENENSFWYDMMPAPGDKFDQSKYLMMYNDNKMVDSKDVKIEVYL
TTKKK
;
S
2 'polypeptide(L)'
;EVNLIESGGDLVKPGGSLKLSCATSGFTFSAYGLSWVRQTPERRLEWVASISGGGSVYYPDSVKGRFTISRDTAGDILFL
QMNSLRSEDSAIYYCVRDLYGDYVGRYAYWGQGTLVIVSAAKTTPPSVYPLAPGSAAQTNSMVTLGCLVKGYFPEPVTVT
WNSGSLSSGVHTFPAVLQSDLYTLSSSVTVPSSTWPSETVTCNVAHPASSTKVDKKIVPRDC
;
H
3 'polypeptide(L)'
;DIVMTQSPATLSVTPGDRVSLSCRASQSIGDYLHWYQQKSHESPRLLINYASQSISGIPSRFSGSGSGSDFTLIINSVEP
EDVGVYYCQNGHSFPYTFGGGTKLEIRRADAAPTVSIFPPSSEQLTSGGASVVCFLNNFYPKDINVKWKIDGSERQNGVL
NSWTDQDSKDSTYSMSSTLTLTKDEYERHNSYTCEATHKTSTSPIVKSFNRNEC
;
L
#
loop_
_chem_comp.id
_chem_comp.type
_chem_comp.name
_chem_comp.formula
ACT non-polymer 'ACETATE ION' 'C2 H3 O2 -1'
#
# COMPACT_ATOMS: atom_id res chain seq x y z
N SER A 8 -20.35 7.67 2.27
CA SER A 8 -19.38 7.53 1.14
C SER A 8 -20.01 6.75 -0.02
N GLN A 9 -19.98 7.30 -1.22
CA GLN A 9 -20.72 6.72 -2.34
C GLN A 9 -20.03 5.47 -2.87
N PRO A 10 -20.79 4.40 -3.10
CA PRO A 10 -20.22 3.23 -3.77
C PRO A 10 -19.54 3.64 -5.08
N ASP A 11 -18.42 3.01 -5.44
CA ASP A 11 -17.72 3.39 -6.64
C ASP A 11 -18.51 2.83 -7.83
N PRO A 12 -18.15 3.28 -9.03
CA PRO A 12 -18.88 2.79 -10.20
C PRO A 12 -18.93 1.27 -10.29
N LYS A 13 -20.11 0.73 -10.55
CA LYS A 13 -20.32 -0.69 -10.71
C LYS A 13 -19.80 -1.05 -12.09
N PRO A 14 -19.57 -2.35 -12.36
CA PRO A 14 -19.04 -2.68 -13.69
C PRO A 14 -20.05 -2.29 -14.75
N ASP A 15 -19.57 -1.67 -15.81
CA ASP A 15 -20.43 -1.13 -16.87
C ASP A 15 -21.44 -0.04 -16.48
N GLU A 16 -21.30 0.57 -15.30
CA GLU A 16 -22.16 1.69 -14.92
C GLU A 16 -21.79 2.97 -15.69
N LEU A 17 -20.51 3.25 -15.82
CA LEU A 17 -20.08 4.48 -16.46
C LEU A 17 -20.59 4.57 -17.90
N HIS A 18 -21.12 5.74 -18.26
CA HIS A 18 -21.62 5.94 -19.62
C HIS A 18 -20.48 5.93 -20.62
N LYS A 19 -20.71 5.28 -21.74
CA LYS A 19 -19.75 5.22 -22.81
C LYS A 19 -20.11 6.27 -23.87
N SER A 20 -19.16 7.15 -24.20
CA SER A 20 -19.46 8.23 -25.12
C SER A 20 -19.81 7.71 -26.51
N SER A 21 -19.27 6.55 -26.89
CA SER A 21 -19.57 5.96 -28.19
C SER A 21 -21.02 5.49 -28.28
N LYS A 22 -21.72 5.32 -27.15
CA LYS A 22 -23.11 4.88 -27.16
C LYS A 22 -24.06 6.10 -27.16
N PHE A 23 -23.50 7.30 -27.12
CA PHE A 23 -24.28 8.51 -27.27
C PHE A 23 -24.12 8.94 -28.72
N THR A 24 -25.23 9.00 -29.45
CA THR A 24 -25.21 9.31 -30.89
C THR A 24 -25.78 10.69 -31.23
N GLY A 25 -26.14 11.47 -30.21
CA GLY A 25 -26.52 12.85 -30.40
C GLY A 25 -25.25 13.69 -30.52
N LEU A 26 -25.40 15.01 -30.41
CA LEU A 26 -24.26 15.90 -30.55
C LEU A 26 -23.69 16.31 -29.20
N MET A 27 -22.39 16.14 -29.06
CA MET A 27 -21.72 16.34 -27.78
C MET A 27 -21.69 17.84 -27.41
N GLU A 28 -21.94 18.70 -28.38
CA GLU A 28 -22.07 20.13 -28.13
C GLU A 28 -23.03 20.44 -26.99
N ASN A 29 -24.09 19.66 -26.86
CA ASN A 29 -25.09 19.91 -25.82
C ASN A 29 -24.61 19.59 -24.41
N MET A 30 -23.59 18.73 -24.29
CA MET A 30 -22.83 18.59 -23.06
C MET A 30 -21.77 19.68 -22.92
N LYS A 31 -20.98 19.88 -23.97
CA LYS A 31 -19.89 20.85 -23.96
C LYS A 31 -20.33 22.23 -23.46
N VAL A 32 -21.44 22.72 -23.98
CA VAL A 32 -21.89 24.06 -23.62
C VAL A 32 -22.02 24.28 -22.11
N LEU A 33 -22.34 23.23 -21.37
CA LEU A 33 -22.53 23.33 -19.93
C LEU A 33 -21.19 23.68 -19.21
N TYR A 34 -20.08 23.33 -19.84
CA TYR A 34 -18.74 23.51 -19.28
C TYR A 34 -17.85 24.41 -20.12
N ASP A 35 -18.49 25.20 -20.99
CA ASP A 35 -17.81 26.24 -21.77
C ASP A 35 -17.75 27.49 -20.89
N ASP A 36 -17.31 28.62 -21.44
CA ASP A 36 -17.02 29.81 -20.62
C ASP A 36 -18.23 30.35 -19.85
N ASN A 37 -19.41 30.30 -20.45
CA ASN A 37 -20.57 30.90 -19.84
C ASN A 37 -21.18 30.01 -18.74
N HIS A 38 -21.54 30.65 -17.64
CA HIS A 38 -22.12 29.99 -16.50
C HIS A 38 -22.71 31.08 -15.64
N VAL A 39 -23.52 30.66 -14.69
CA VAL A 39 -24.13 31.60 -13.74
C VAL A 39 -23.18 31.83 -12.58
N SER A 40 -22.96 33.09 -12.27
CA SER A 40 -22.16 33.49 -11.13
C SER A 40 -22.71 34.78 -10.58
N ALA A 41 -22.94 34.81 -9.26
CA ALA A 41 -23.33 36.03 -8.56
C ALA A 41 -22.80 35.95 -7.13
N ILE A 42 -22.38 37.09 -6.61
CA ILE A 42 -21.83 37.16 -5.26
C ILE A 42 -22.68 38.09 -4.40
N ASN A 43 -23.08 37.61 -3.23
CA ASN A 43 -23.79 38.43 -2.22
C ASN A 43 -25.13 38.96 -2.74
N VAL A 44 -25.96 38.02 -3.19
CA VAL A 44 -27.29 38.30 -3.69
C VAL A 44 -28.32 37.55 -2.84
N LYS A 45 -29.57 38.00 -2.93
CA LYS A 45 -30.67 37.43 -2.16
C LYS A 45 -31.87 37.18 -3.07
N SER A 46 -32.56 36.07 -2.82
CA SER A 46 -33.69 35.68 -3.65
C SER A 46 -34.75 36.76 -3.67
N ILE A 47 -35.44 36.84 -4.78
CA ILE A 47 -36.49 37.85 -4.96
C ILE A 47 -37.87 37.27 -5.28
N ASP A 48 -37.93 35.98 -5.59
CA ASP A 48 -39.20 35.32 -5.89
C ASP A 48 -39.01 33.81 -5.73
N GLN A 49 -40.09 33.08 -5.96
CA GLN A 49 -40.10 31.65 -5.92
C GLN A 49 -41.27 31.17 -6.78
N PHE A 50 -41.07 30.10 -7.53
CA PHE A 50 -42.12 29.51 -8.33
C PHE A 50 -42.71 28.36 -7.51
N LEU A 51 -41.97 27.27 -7.40
CA LEU A 51 -42.38 26.12 -6.61
C LEU A 51 -41.56 26.05 -5.30
N TYR A 52 -42.03 25.20 -4.38
CA TYR A 52 -41.50 25.13 -3.01
C TYR A 52 -40.02 24.76 -2.88
N PHE A 53 -39.47 24.14 -3.91
CA PHE A 53 -38.08 23.69 -3.88
C PHE A 53 -37.16 24.59 -4.71
N ASP A 54 -37.64 25.75 -5.13
CA ASP A 54 -36.79 26.66 -5.89
C ASP A 54 -36.72 28.04 -5.28
N LEU A 55 -35.73 28.80 -5.77
CA LEU A 55 -35.61 30.21 -5.50
C LEU A 55 -35.26 30.93 -6.80
N ILE A 56 -35.77 32.14 -6.97
CA ILE A 56 -35.50 32.96 -8.14
C ILE A 56 -34.67 34.16 -7.71
N TYR A 57 -33.63 34.43 -8.50
CA TYR A 57 -32.68 35.53 -8.26
C TYR A 57 -32.67 36.44 -9.49
N SER A 58 -32.49 37.75 -9.26
CA SER A 58 -32.40 38.73 -10.34
C SER A 58 -30.94 38.88 -10.77
N ILE A 59 -30.37 37.77 -11.22
CA ILE A 59 -29.03 37.72 -11.74
C ILE A 59 -29.17 37.92 -13.25
N LYS A 60 -28.47 38.93 -13.77
CA LYS A 60 -28.60 39.35 -15.16
C LYS A 60 -27.30 39.09 -15.94
N ASP A 61 -27.44 38.55 -17.14
CA ASP A 61 -26.34 38.41 -18.07
C ASP A 61 -26.30 39.70 -18.88
N THR A 62 -25.50 40.68 -18.46
CA THR A 62 -25.49 41.94 -19.20
C THR A 62 -24.57 41.84 -20.43
N LYS A 63 -23.60 40.93 -20.39
CA LYS A 63 -22.65 40.82 -21.49
C LYS A 63 -23.29 40.25 -22.78
N LEU A 64 -24.01 39.13 -22.64
CA LEU A 64 -24.58 38.44 -23.80
C LEU A 64 -26.11 38.58 -23.86
N GLY A 65 -26.72 39.05 -22.78
CA GLY A 65 -28.15 39.35 -22.79
C GLY A 65 -29.06 38.12 -22.77
N ASN A 66 -28.54 36.97 -22.34
CA ASN A 66 -29.32 35.73 -22.40
C ASN A 66 -30.36 35.52 -21.31
N TYR A 67 -30.25 36.24 -20.20
CA TYR A 67 -31.24 36.11 -19.13
C TYR A 67 -31.19 37.32 -18.18
N ASP A 68 -32.32 37.59 -17.56
CA ASP A 68 -32.44 38.66 -16.56
C ASP A 68 -32.73 38.10 -15.18
N ASN A 69 -33.07 36.81 -15.10
CA ASN A 69 -33.37 36.16 -13.85
C ASN A 69 -32.90 34.71 -13.95
N VAL A 70 -32.55 34.13 -12.82
CA VAL A 70 -32.12 32.74 -12.72
C VAL A 70 -33.00 32.01 -11.69
N ARG A 71 -33.55 30.87 -12.09
CA ARG A 71 -34.26 30.00 -11.17
C ARG A 71 -33.31 28.90 -10.69
N VAL A 72 -33.13 28.80 -9.36
CA VAL A 72 -32.28 27.78 -8.75
C VAL A 72 -33.19 26.72 -8.14
N GLU A 73 -33.02 25.48 -8.60
CA GLU A 73 -33.83 24.34 -8.17
CA GLU A 73 -33.83 24.34 -8.18
C GLU A 73 -33.04 23.44 -7.22
N PHE A 74 -33.67 23.07 -6.10
CA PHE A 74 -33.07 22.20 -5.09
C PHE A 74 -33.86 20.90 -4.98
N LYS A 75 -33.27 19.93 -4.29
CA LYS A 75 -33.90 18.61 -4.18
C LYS A 75 -35.05 18.59 -3.19
N ASN A 76 -35.18 19.62 -2.37
CA ASN A 76 -36.19 19.57 -1.34
C ASN A 76 -36.54 20.95 -0.85
N LYS A 77 -37.61 21.02 -0.08
CA LYS A 77 -38.10 22.28 0.47
C LYS A 77 -37.13 22.90 1.48
N ASP A 78 -36.46 22.05 2.27
CA ASP A 78 -35.58 22.52 3.33
C ASP A 78 -34.48 23.43 2.80
N LEU A 79 -33.91 23.07 1.64
CA LEU A 79 -32.85 23.86 1.01
C LEU A 79 -33.36 25.22 0.53
N ALA A 80 -34.53 25.26 -0.10
CA ALA A 80 -35.11 26.53 -0.55
C ALA A 80 -35.40 27.41 0.67
N ASP A 81 -35.95 26.80 1.71
CA ASP A 81 -36.29 27.55 2.93
C ASP A 81 -35.05 28.09 3.63
N LYS A 82 -33.99 27.30 3.62
CA LYS A 82 -32.74 27.67 4.27
C LYS A 82 -32.20 28.95 3.62
N TYR A 83 -32.15 28.96 2.29
CA TYR A 83 -31.53 30.06 1.59
C TYR A 83 -32.44 31.22 1.20
N LYS A 84 -33.77 31.07 1.31
CA LYS A 84 -34.67 32.16 0.92
C LYS A 84 -34.32 33.37 1.81
N ASP A 85 -34.16 34.58 1.31
CA ASP A 85 -33.84 35.66 2.34
C ASP A 85 -32.46 35.55 3.04
N LYS A 86 -31.56 34.67 2.60
CA LYS A 86 -30.16 34.77 3.02
C LYS A 86 -29.39 35.40 1.86
N TYR A 87 -28.39 36.23 2.20
CA TYR A 87 -27.37 36.62 1.24
C TYR A 87 -26.50 35.42 0.89
N VAL A 88 -26.43 35.11 -0.40
CA VAL A 88 -25.71 33.95 -0.89
C VAL A 88 -24.81 34.29 -2.07
N ASP A 89 -23.95 33.32 -2.37
CA ASP A 89 -23.19 33.27 -3.59
C ASP A 89 -23.82 32.16 -4.41
N VAL A 90 -23.92 32.38 -5.71
CA VAL A 90 -24.53 31.45 -6.64
C VAL A 90 -23.50 31.13 -7.73
N PHE A 91 -23.32 29.85 -8.04
CA PHE A 91 -22.40 29.40 -9.07
C PHE A 91 -22.93 28.12 -9.68
N GLY A 92 -23.22 28.14 -10.96
CA GLY A 92 -23.73 26.94 -11.61
C GLY A 92 -23.71 26.90 -13.11
N ALA A 93 -23.87 25.68 -13.61
CA ALA A 93 -24.06 25.44 -15.01
C ALA A 93 -25.58 25.50 -15.29
N ASN A 94 -25.96 26.37 -16.20
CA ASN A 94 -27.38 26.69 -16.44
C ASN A 94 -27.90 26.14 -17.75
N TYR A 95 -29.22 26.07 -17.87
CA TYR A 95 -29.87 25.53 -19.06
C TYR A 95 -31.10 26.35 -19.42
N TYR A 96 -31.55 26.20 -20.65
CA TYR A 96 -32.65 26.98 -21.19
C TYR A 96 -33.83 26.12 -21.69
N TYR A 97 -33.52 24.97 -22.31
CA TYR A 97 -34.55 24.07 -22.82
C TYR A 97 -35.31 23.43 -21.66
N GLN A 98 -36.62 23.56 -21.71
CA GLN A 98 -37.52 23.11 -20.63
C GLN A 98 -37.18 23.76 -19.28
N CYS A 99 -36.73 25.02 -19.34
CA CYS A 99 -36.59 25.85 -18.14
C CYS A 99 -37.94 26.52 -17.97
N TYR A 100 -38.56 26.32 -16.80
CA TYR A 100 -39.91 26.82 -16.52
C TYR A 100 -39.91 27.70 -15.29
N PHE A 101 -40.55 28.88 -15.38
CA PHE A 101 -40.77 29.77 -14.23
C PHE A 101 -42.26 29.86 -13.82
N SER A 102 -43.13 29.21 -14.59
CA SER A 102 -44.56 29.08 -14.25
C SER A 102 -45.17 27.85 -14.93
N LYS A 115 -37.88 33.11 -22.51
CA LYS A 115 -38.13 34.54 -22.37
C LYS A 115 -37.16 35.18 -21.35
N ARG A 116 -35.88 35.21 -21.74
CA ARG A 116 -34.83 35.86 -20.94
C ARG A 116 -34.74 35.29 -19.53
N LYS A 117 -34.85 33.97 -19.45
CA LYS A 117 -34.80 33.23 -18.18
C LYS A 117 -33.88 32.05 -18.32
N THR A 118 -33.31 31.63 -17.20
CA THR A 118 -32.49 30.44 -17.19
C THR A 118 -32.67 29.70 -15.87
N CYS A 119 -32.36 28.41 -15.89
CA CYS A 119 -32.51 27.55 -14.73
C CYS A 119 -31.20 26.84 -14.44
N MET A 120 -31.01 26.49 -13.18
CA MET A 120 -29.87 25.70 -12.72
C MET A 120 -30.28 24.96 -11.44
N TYR A 121 -29.39 24.07 -10.97
CA TYR A 121 -29.65 23.31 -9.77
C TYR A 121 -28.59 23.63 -8.74
N GLY A 122 -28.98 23.76 -7.48
CA GLY A 122 -28.00 23.93 -6.41
C GLY A 122 -27.13 25.15 -6.60
N GLY A 123 -25.85 25.00 -6.28
CA GLY A 123 -24.85 26.01 -6.50
C GLY A 123 -24.88 27.21 -5.56
N VAL A 124 -25.56 27.07 -4.44
CA VAL A 124 -25.80 28.16 -3.51
C VAL A 124 -25.06 27.93 -2.18
N THR A 125 -24.28 28.93 -1.78
CA THR A 125 -23.59 28.92 -0.51
C THR A 125 -23.86 30.24 0.22
N GLU A 126 -24.08 30.19 1.53
CA GLU A 126 -24.24 31.39 2.34
CA GLU A 126 -24.24 31.38 2.33
C GLU A 126 -23.03 32.27 2.11
N HIS A 127 -23.25 33.57 1.98
CA HIS A 127 -22.15 34.49 1.81
C HIS A 127 -21.44 34.79 3.12
N ASN A 128 -22.20 35.21 4.13
CA ASN A 128 -21.66 35.71 5.39
C ASN A 128 -20.94 34.59 6.13
N GLY A 129 -19.68 34.83 6.46
CA GLY A 129 -18.87 33.86 7.19
C GLY A 129 -18.22 32.78 6.35
N ASN A 130 -18.48 32.76 5.05
CA ASN A 130 -17.91 31.75 4.15
C ASN A 130 -16.78 32.28 3.28
N GLN A 131 -16.39 33.53 3.48
CA GLN A 131 -15.38 34.13 2.60
C GLN A 131 -13.97 33.93 3.15
N LEU A 132 -13.04 33.57 2.27
CA LEU A 132 -11.63 33.59 2.60
C LEU A 132 -11.02 34.93 2.15
N ASP A 133 -9.97 35.37 2.84
CA ASP A 133 -9.33 36.64 2.51
C ASP A 133 -8.35 36.52 1.34
N LYS A 134 -7.98 35.28 1.00
CA LYS A 134 -7.16 34.95 -0.17
C LYS A 134 -7.71 33.68 -0.84
N TYR A 135 -7.46 33.54 -2.14
CA TYR A 135 -7.82 32.31 -2.84
C TYR A 135 -7.08 31.10 -2.30
N ARG A 136 -7.81 29.98 -2.22
CA ARG A 136 -7.22 28.69 -1.98
C ARG A 136 -7.16 27.91 -3.27
N SER A 137 -6.10 27.13 -3.44
CA SER A 137 -5.95 26.22 -4.56
C SER A 137 -6.30 24.77 -4.18
N ILE A 138 -6.94 24.08 -5.11
CA ILE A 138 -7.26 22.64 -4.99
C ILE A 138 -6.67 21.99 -6.23
N THR A 139 -5.80 21.00 -6.02
CA THR A 139 -5.19 20.32 -7.13
C THR A 139 -6.14 19.30 -7.75
N VAL A 140 -6.25 19.32 -9.06
CA VAL A 140 -6.97 18.30 -9.81
C VAL A 140 -5.94 17.36 -10.38
N ARG A 141 -6.09 16.07 -10.09
CA ARG A 141 -5.23 15.05 -10.65
C ARG A 141 -6.01 14.35 -11.75
N VAL A 142 -5.49 14.36 -12.96
CA VAL A 142 -6.13 13.75 -14.10
C VAL A 142 -5.34 12.53 -14.55
N PHE A 143 -6.07 11.42 -14.71
CA PHE A 143 -5.51 10.15 -15.20
C PHE A 143 -6.15 9.71 -16.49
N GLU A 144 -5.34 9.13 -17.37
CA GLU A 144 -5.81 8.59 -18.60
C GLU A 144 -5.33 7.16 -18.72
N ASP A 145 -6.29 6.24 -18.80
CA ASP A 145 -5.99 4.82 -18.89
C ASP A 145 -5.05 4.39 -17.74
N GLY A 146 -5.26 4.98 -16.56
CA GLY A 146 -4.50 4.62 -15.37
C GLY A 146 -3.24 5.44 -15.13
N LYS A 147 -2.82 6.20 -16.16
CA LYS A 147 -1.56 6.96 -16.14
C LYS A 147 -1.75 8.38 -15.65
N ASN A 148 -0.77 8.90 -14.95
CA ASN A 148 -0.68 10.35 -14.67
C ASN A 148 -0.74 11.10 -16.01
N LEU A 149 -1.81 11.85 -16.25
CA LEU A 149 -1.92 12.63 -17.50
C LEU A 149 -1.46 14.04 -17.25
N LEU A 150 -2.13 14.72 -16.33
CA LEU A 150 -1.69 16.05 -15.90
CA LEU A 150 -1.76 16.08 -15.94
C LEU A 150 -2.35 16.42 -14.59
N SER A 151 -1.87 17.52 -14.02
CA SER A 151 -2.48 18.08 -12.83
C SER A 151 -2.46 19.59 -12.99
N PHE A 152 -3.39 20.25 -12.33
CA PHE A 152 -3.52 21.70 -12.38
C PHE A 152 -4.35 22.09 -11.21
N ASP A 153 -4.39 23.38 -10.91
CA ASP A 153 -5.10 23.86 -9.74
C ASP A 153 -6.35 24.63 -10.12
N VAL A 154 -7.42 24.41 -9.39
CA VAL A 154 -8.59 25.28 -9.43
C VAL A 154 -8.56 26.11 -8.15
N GLN A 155 -9.18 27.28 -8.20
CA GLN A 155 -9.14 28.22 -7.09
C GLN A 155 -10.52 28.61 -6.64
N THR A 156 -10.63 28.85 -5.35
CA THR A 156 -11.86 29.36 -4.77
C THR A 156 -11.55 30.25 -3.57
N ASN A 157 -12.42 31.20 -3.30
CA ASN A 157 -12.30 32.02 -2.07
C ASN A 157 -13.42 31.69 -1.10
N LYS A 158 -14.03 30.52 -1.25
CA LYS A 158 -15.08 30.06 -0.32
C LYS A 158 -14.53 28.99 0.64
N LYS A 159 -14.87 29.07 1.92
CA LYS A 159 -14.48 28.05 2.91
C LYS A 159 -15.15 26.72 2.56
N LYS A 160 -16.46 26.77 2.32
CA LYS A 160 -17.27 25.67 1.86
C LYS A 160 -17.73 26.03 0.46
N VAL A 161 -17.44 25.16 -0.50
CA VAL A 161 -17.68 25.40 -1.92
C VAL A 161 -18.48 24.22 -2.48
N THR A 162 -19.40 24.51 -3.41
CA THR A 162 -20.19 23.42 -3.96
C THR A 162 -19.29 22.51 -4.83
N ALA A 163 -19.57 21.21 -4.79
CA ALA A 163 -18.97 20.25 -5.73
C ALA A 163 -19.22 20.69 -7.15
N GLN A 164 -20.41 21.25 -7.39
CA GLN A 164 -20.76 21.77 -8.70
C GLN A 164 -19.75 22.81 -9.23
N GLU A 165 -19.41 23.78 -8.40
CA GLU A 165 -18.48 24.81 -8.81
C GLU A 165 -17.13 24.18 -9.14
N LEU A 166 -16.66 23.26 -8.29
CA LEU A 166 -15.36 22.62 -8.54
C LEU A 166 -15.38 21.73 -9.77
N ASP A 167 -16.48 21.02 -9.97
CA ASP A 167 -16.66 20.17 -11.18
C ASP A 167 -16.63 21.05 -12.44
N TYR A 168 -17.39 22.15 -12.41
CA TYR A 168 -17.40 23.06 -13.55
C TYR A 168 -15.99 23.60 -13.85
N LEU A 169 -15.29 24.06 -12.83
CA LEU A 169 -13.94 24.61 -13.03
C LEU A 169 -12.98 23.58 -13.60
N THR A 170 -13.09 22.36 -13.11
CA THR A 170 -12.30 21.22 -13.57
C THR A 170 -12.58 20.90 -15.03
N ARG A 171 -13.84 20.70 -15.37
CA ARG A 171 -14.20 20.39 -16.75
C ARG A 171 -13.96 21.51 -17.71
N HIS A 172 -14.16 22.74 -17.27
CA HIS A 172 -13.90 23.89 -18.11
C HIS A 172 -12.46 23.87 -18.60
N TYR A 173 -11.53 23.57 -17.70
CA TYR A 173 -10.13 23.46 -18.09
C TYR A 173 -9.91 22.32 -19.09
N LEU A 174 -10.49 21.17 -18.81
CA LEU A 174 -10.29 19.98 -19.64
C LEU A 174 -10.95 20.13 -21.02
N VAL A 175 -12.06 20.85 -21.09
CA VAL A 175 -12.62 21.15 -22.42
C VAL A 175 -11.62 21.99 -23.25
N LYS A 176 -11.15 23.07 -22.66
CA LYS A 176 -10.24 23.98 -23.32
C LYS A 176 -8.92 23.35 -23.70
N ASN A 177 -8.35 22.55 -22.81
CA ASN A 177 -6.99 22.06 -23.02
C ASN A 177 -6.81 20.62 -23.42
N LYS A 178 -7.81 19.78 -23.13
CA LYS A 178 -7.80 18.38 -23.53
C LYS A 178 -8.96 17.95 -24.45
N LYS A 179 -9.81 18.91 -24.86
CA LYS A 179 -10.95 18.64 -25.76
C LYS A 179 -11.85 17.54 -25.16
N LEU A 180 -12.03 17.62 -23.84
CA LEU A 180 -12.86 16.64 -23.13
C LEU A 180 -14.19 16.42 -23.87
N TYR A 181 -14.82 17.54 -24.26
CA TYR A 181 -15.99 17.52 -25.14
C TYR A 181 -15.68 18.39 -26.35
N GLU A 182 -16.06 17.90 -27.53
CA GLU A 182 -15.93 18.61 -28.78
C GLU A 182 -17.33 18.69 -29.34
N PHE A 183 -17.50 19.41 -30.43
CA PHE A 183 -18.86 19.69 -30.90
C PHE A 183 -19.66 18.40 -31.21
N ASN A 184 -18.98 17.43 -31.81
CA ASN A 184 -19.64 16.24 -32.31
C ASN A 184 -19.40 14.99 -31.45
N ASN A 185 -18.26 14.90 -30.78
CA ASN A 185 -17.94 13.74 -29.92
C ASN A 185 -16.93 14.08 -28.80
N SER A 186 -16.47 13.06 -28.09
CA SER A 186 -15.37 13.18 -27.15
C SER A 186 -14.28 12.21 -27.55
N PRO A 187 -13.03 12.60 -27.35
CA PRO A 187 -11.91 11.69 -27.55
C PRO A 187 -11.85 10.60 -26.45
N TYR A 188 -12.61 10.75 -25.38
CA TYR A 188 -12.64 9.77 -24.31
C TYR A 188 -13.90 8.91 -24.33
N GLU A 189 -13.74 7.67 -23.93
CA GLU A 189 -14.85 6.74 -23.87
C GLU A 189 -15.62 6.90 -22.57
N THR A 190 -14.90 6.88 -21.44
CA THR A 190 -15.53 7.10 -20.13
C THR A 190 -14.78 8.16 -19.34
N GLY A 191 -15.47 8.79 -18.41
CA GLY A 191 -14.82 9.66 -17.50
C GLY A 191 -15.66 9.87 -16.26
N TYR A 192 -15.03 9.85 -15.11
CA TYR A 192 -15.68 10.29 -13.89
C TYR A 192 -14.74 11.13 -13.03
N ILE A 193 -15.34 11.99 -12.23
CA ILE A 193 -14.62 12.89 -11.39
C ILE A 193 -14.98 12.49 -9.95
N LYS A 194 -13.96 12.28 -9.13
CA LYS A 194 -14.13 11.82 -7.77
C LYS A 194 -13.62 12.87 -6.79
N PHE A 195 -14.45 13.18 -5.80
CA PHE A 195 -14.12 14.11 -4.74
C PHE A 195 -13.87 13.30 -3.47
N ILE A 196 -12.76 13.61 -2.81
CA ILE A 196 -12.37 12.93 -1.58
C ILE A 196 -12.27 13.99 -0.49
N GLU A 197 -12.99 13.80 0.59
CA GLU A 197 -12.88 14.71 1.73
C GLU A 197 -12.78 13.89 3.01
N ASN A 198 -11.57 13.84 3.58
CA ASN A 198 -11.31 13.02 4.77
C ASN A 198 -11.69 11.57 4.48
N GLU A 199 -12.60 10.98 5.26
CA GLU A 199 -12.96 9.55 5.08
C GLU A 199 -14.06 9.31 4.03
N ASN A 200 -14.57 10.37 3.41
CA ASN A 200 -15.73 10.23 2.55
C ASN A 200 -15.43 10.62 1.12
N SER A 201 -16.09 9.96 0.17
CA SER A 201 -15.97 10.32 -1.24
C SER A 201 -17.29 10.17 -1.99
N PHE A 202 -17.33 10.82 -3.14
CA PHE A 202 -18.44 10.72 -4.07
C PHE A 202 -17.94 11.12 -5.47
N TRP A 203 -18.74 10.84 -6.48
CA TRP A 203 -18.28 11.01 -7.84
C TRP A 203 -19.45 11.32 -8.79
N TYR A 204 -19.13 11.90 -9.93
CA TYR A 204 -20.09 12.14 -11.02
C TYR A 204 -19.55 11.56 -12.32
N ASP A 205 -20.44 10.97 -13.10
CA ASP A 205 -20.17 10.51 -14.43
C ASP A 205 -20.11 11.73 -15.34
N MET A 206 -19.04 11.82 -16.11
CA MET A 206 -18.81 12.97 -17.00
C MET A 206 -19.38 12.80 -18.41
N MET A 207 -19.93 11.64 -18.72
CA MET A 207 -20.41 11.38 -20.06
C MET A 207 -21.91 11.29 -20.11
N PRO A 208 -22.49 11.67 -21.27
CA PRO A 208 -23.93 11.58 -21.41
C PRO A 208 -24.47 10.14 -21.45
N ALA A 209 -25.72 9.98 -21.00
CA ALA A 209 -26.45 8.73 -21.11
C ALA A 209 -26.59 8.26 -22.54
N PRO A 210 -26.70 6.93 -22.75
CA PRO A 210 -26.69 6.43 -24.13
C PRO A 210 -27.94 6.84 -24.90
N GLY A 211 -27.85 6.84 -26.22
CA GLY A 211 -28.99 7.24 -27.04
C GLY A 211 -28.75 8.48 -27.88
N ASP A 212 -29.84 8.96 -28.49
CA ASP A 212 -29.75 9.96 -29.54
C ASP A 212 -29.99 11.40 -29.07
N LYS A 213 -30.32 11.59 -27.80
CA LYS A 213 -30.57 12.94 -27.29
C LYS A 213 -30.01 13.11 -25.88
N PHE A 214 -29.56 14.31 -25.58
CA PHE A 214 -28.99 14.59 -24.28
C PHE A 214 -29.94 15.53 -23.58
N ASP A 215 -30.34 15.18 -22.36
CA ASP A 215 -31.31 15.96 -21.61
C ASP A 215 -30.52 16.74 -20.57
N GLN A 216 -30.26 18.00 -20.86
CA GLN A 216 -29.44 18.87 -20.01
C GLN A 216 -30.03 19.03 -18.62
N SER A 217 -31.32 19.30 -18.58
CA SER A 217 -32.02 19.45 -17.31
C SER A 217 -31.85 18.21 -16.44
N LYS A 218 -32.05 17.03 -17.03
CA LYS A 218 -31.97 15.78 -16.27
C LYS A 218 -30.55 15.55 -15.80
N TYR A 219 -29.57 15.83 -16.66
CA TYR A 219 -28.16 15.67 -16.29
C TYR A 219 -27.77 16.55 -15.10
N LEU A 220 -28.09 17.84 -15.21
CA LEU A 220 -27.71 18.82 -14.22
C LEU A 220 -28.40 18.64 -12.90
N MET A 221 -29.52 17.91 -12.89
CA MET A 221 -30.29 17.68 -11.67
C MET A 221 -29.45 16.96 -10.58
N MET A 222 -28.38 16.31 -11.01
CA MET A 222 -27.44 15.71 -10.07
C MET A 222 -26.85 16.71 -9.09
N TYR A 223 -26.87 17.98 -9.42
CA TYR A 223 -26.31 19.03 -8.58
C TYR A 223 -27.35 19.59 -7.60
N ASN A 224 -28.58 19.08 -7.65
CA ASN A 224 -29.68 19.68 -6.85
C ASN A 224 -29.63 19.38 -5.36
N ASP A 225 -28.71 18.51 -4.95
CA ASP A 225 -28.45 18.31 -3.52
C ASP A 225 -27.67 19.45 -2.87
N ASN A 226 -27.14 20.36 -3.69
CA ASN A 226 -26.35 21.48 -3.17
C ASN A 226 -25.14 21.00 -2.37
N LYS A 227 -24.59 19.86 -2.79
CA LYS A 227 -23.47 19.25 -2.07
C LYS A 227 -22.30 20.22 -1.97
N MET A 228 -21.79 20.40 -0.76
CA MET A 228 -20.63 21.26 -0.49
C MET A 228 -19.49 20.48 0.13
N VAL A 229 -18.28 20.99 -0.07
CA VAL A 229 -17.07 20.41 0.49
C VAL A 229 -16.19 21.50 1.08
N ASP A 230 -15.34 21.14 2.03
CA ASP A 230 -14.38 22.08 2.61
C ASP A 230 -13.25 22.31 1.62
N SER A 231 -13.00 23.56 1.26
CA SER A 231 -12.03 23.88 0.22
C SER A 231 -10.59 23.58 0.62
N LYS A 232 -10.31 23.48 1.92
CA LYS A 232 -8.96 23.08 2.39
C LYS A 232 -8.76 21.55 2.29
N ASP A 233 -9.78 20.79 2.66
CA ASP A 233 -9.66 19.33 2.77
C ASP A 233 -9.88 18.55 1.49
N VAL A 234 -10.70 19.08 0.58
CA VAL A 234 -11.16 18.32 -0.57
C VAL A 234 -10.03 18.05 -1.54
N LYS A 235 -10.02 16.84 -2.09
CA LYS A 235 -9.11 16.45 -3.18
C LYS A 235 -9.93 15.96 -4.36
N ILE A 236 -9.36 16.11 -5.56
CA ILE A 236 -10.09 15.85 -6.79
C ILE A 236 -9.26 15.00 -7.70
N GLU A 237 -9.81 13.87 -8.12
CA GLU A 237 -9.18 13.00 -9.09
C GLU A 237 -10.16 12.71 -10.23
N VAL A 238 -9.66 12.78 -11.46
CA VAL A 238 -10.45 12.59 -12.67
C VAL A 238 -9.87 11.40 -13.41
N TYR A 239 -10.72 10.43 -13.71
CA TYR A 239 -10.31 9.20 -14.38
C TYR A 239 -10.94 9.08 -15.75
N LEU A 240 -10.10 9.14 -16.78
CA LEU A 240 -10.55 9.10 -18.15
C LEU A 240 -10.03 7.84 -18.82
N THR A 241 -10.83 7.26 -19.72
CA THR A 241 -10.38 6.13 -20.52
CA THR A 241 -10.40 6.11 -20.50
C THR A 241 -10.57 6.43 -21.99
N THR A 242 -9.58 6.05 -22.79
CA THR A 242 -9.63 6.32 -24.22
C THR A 242 -10.38 5.25 -24.94
N LYS A 243 -10.85 5.61 -26.12
CA LYS A 243 -11.57 4.70 -26.97
C LYS A 243 -10.56 3.78 -27.59
N LYS A 244 -10.90 2.51 -27.65
CA LYS A 244 -9.99 1.53 -28.19
C LYS A 244 -10.10 1.51 -29.71
N GLU B 1 -11.73 -4.43 5.34
CA GLU B 1 -12.75 -4.59 4.26
C GLU B 1 -12.03 -5.04 3.01
N VAL B 2 -11.12 -4.21 2.48
CA VAL B 2 -10.36 -4.55 1.27
C VAL B 2 -9.41 -5.70 1.59
N ASN B 3 -9.42 -6.72 0.73
CA ASN B 3 -8.52 -7.82 0.92
C ASN B 3 -8.03 -8.32 -0.43
N LEU B 4 -6.75 -8.69 -0.48
CA LEU B 4 -6.07 -9.22 -1.66
C LEU B 4 -5.27 -10.44 -1.23
N ILE B 5 -5.49 -11.57 -1.89
CA ILE B 5 -4.85 -12.83 -1.47
C ILE B 5 -4.18 -13.43 -2.67
N GLU B 6 -2.85 -13.39 -2.67
CA GLU B 6 -2.06 -13.94 -3.75
C GLU B 6 -1.90 -15.44 -3.56
N SER B 7 -1.79 -16.15 -4.67
CA SER B 7 -1.43 -17.55 -4.64
C SER B 7 -0.69 -17.92 -5.90
N GLY B 8 -0.11 -19.13 -5.90
CA GLY B 8 0.54 -19.67 -7.08
C GLY B 8 2.04 -19.69 -7.08
N GLY B 9 2.67 -19.04 -6.10
CA GLY B 9 4.14 -19.10 -5.99
C GLY B 9 4.66 -20.53 -5.88
N ASP B 10 5.81 -20.78 -6.49
CA ASP B 10 6.40 -22.10 -6.50
C ASP B 10 7.85 -21.98 -6.90
N LEU B 11 8.53 -23.11 -6.80
CA LEU B 11 9.87 -23.29 -7.34
C LEU B 11 9.77 -23.70 -8.79
N VAL B 12 10.50 -22.99 -9.67
CA VAL B 12 10.51 -23.28 -11.10
C VAL B 12 11.92 -23.25 -11.63
N LYS B 13 12.25 -24.15 -12.56
CA LYS B 13 13.56 -24.15 -13.21
C LYS B 13 13.76 -22.92 -14.07
N PRO B 14 15.00 -22.43 -14.18
CA PRO B 14 15.21 -21.32 -15.11
C PRO B 14 14.64 -21.66 -16.49
N GLY B 15 13.95 -20.70 -17.10
CA GLY B 15 13.31 -20.89 -18.40
C GLY B 15 11.86 -21.37 -18.30
N GLY B 16 11.44 -21.81 -17.11
CA GLY B 16 10.06 -22.26 -16.89
C GLY B 16 9.03 -21.16 -16.85
N SER B 17 7.80 -21.54 -16.48
CA SER B 17 6.62 -20.69 -16.54
C SER B 17 5.88 -20.86 -15.23
N LEU B 18 5.14 -19.84 -14.82
CA LEU B 18 4.30 -19.92 -13.63
C LEU B 18 3.17 -18.90 -13.77
N LYS B 19 1.98 -19.22 -13.26
CA LYS B 19 0.89 -18.26 -13.24
C LYS B 19 0.50 -17.98 -11.80
N LEU B 20 0.52 -16.70 -11.44
CA LEU B 20 0.07 -16.22 -10.14
C LEU B 20 -1.37 -15.73 -10.22
N SER B 21 -2.06 -15.81 -9.07
CA SER B 21 -3.44 -15.39 -8.95
C SER B 21 -3.55 -14.50 -7.73
N CYS B 22 -4.46 -13.54 -7.79
CA CYS B 22 -4.73 -12.61 -6.68
CA CYS B 22 -4.75 -12.68 -6.66
C CYS B 22 -6.25 -12.50 -6.57
N ALA B 23 -6.82 -13.14 -5.54
CA ALA B 23 -8.26 -13.14 -5.35
C ALA B 23 -8.59 -11.95 -4.44
N THR B 24 -9.49 -11.10 -4.89
CA THR B 24 -9.79 -9.87 -4.17
C THR B 24 -11.19 -9.87 -3.56
N SER B 25 -11.39 -9.02 -2.58
CA SER B 25 -12.71 -8.81 -2.01
C SER B 25 -12.78 -7.45 -1.32
N GLY B 26 -14.01 -7.02 -1.05
CA GLY B 26 -14.27 -5.82 -0.25
C GLY B 26 -14.30 -4.53 -1.07
N PHE B 27 -14.26 -4.66 -2.38
CA PHE B 27 -14.33 -3.49 -3.26
C PHE B 27 -14.74 -3.88 -4.67
N THR B 28 -15.19 -2.89 -5.42
CA THR B 28 -15.56 -3.08 -6.81
C THR B 28 -14.32 -3.28 -7.65
N PHE B 29 -14.15 -4.51 -8.09
CA PHE B 29 -12.89 -4.96 -8.69
C PHE B 29 -12.46 -4.13 -9.91
N SER B 30 -13.43 -3.82 -10.77
CA SER B 30 -13.17 -3.08 -12.02
C SER B 30 -12.93 -1.55 -11.87
N ALA B 31 -13.15 -1.02 -10.66
CA ALA B 31 -13.09 0.42 -10.44
C ALA B 31 -11.68 0.93 -10.07
N TYR B 32 -10.70 0.03 -9.95
CA TYR B 32 -9.37 0.41 -9.44
C TYR B 32 -8.22 -0.09 -10.29
N GLY B 33 -7.15 0.71 -10.33
CA GLY B 33 -5.88 0.26 -10.88
C GLY B 33 -5.33 -0.88 -10.02
N LEU B 34 -4.88 -1.94 -10.68
CA LEU B 34 -4.34 -3.12 -10.01
C LEU B 34 -2.99 -3.41 -10.58
N SER B 35 -2.04 -3.77 -9.71
CA SER B 35 -0.68 -4.02 -10.11
C SER B 35 -0.05 -5.19 -9.35
N TRP B 36 1.08 -5.64 -9.86
CA TRP B 36 1.99 -6.56 -9.20
C TRP B 36 3.30 -5.82 -8.93
N VAL B 37 3.78 -5.93 -7.69
CA VAL B 37 5.07 -5.39 -7.24
C VAL B 37 5.77 -6.53 -6.52
N ARG B 38 7.06 -6.71 -6.80
CA ARG B 38 7.82 -7.78 -6.21
C ARG B 38 8.90 -7.23 -5.30
N GLN B 39 9.27 -8.05 -4.34
CA GLN B 39 10.33 -7.74 -3.40
C GLN B 39 11.40 -8.80 -3.49
N THR B 40 12.58 -8.36 -3.85
CA THR B 40 13.69 -9.25 -4.17
C THR B 40 14.39 -9.68 -2.89
N PRO B 41 15.27 -10.68 -2.99
CA PRO B 41 16.07 -11.11 -1.83
C PRO B 41 16.91 -9.99 -1.20
N GLU B 42 17.28 -8.97 -1.98
CA GLU B 42 18.04 -7.85 -1.48
C GLU B 42 17.12 -6.79 -0.84
N ARG B 43 15.83 -7.08 -0.77
CA ARG B 43 14.83 -6.18 -0.19
C ARG B 43 14.51 -5.00 -1.09
N ARG B 44 14.79 -5.10 -2.38
CA ARG B 44 14.37 -4.05 -3.30
C ARG B 44 12.96 -4.32 -3.76
N LEU B 45 12.18 -3.26 -3.91
CA LEU B 45 10.84 -3.31 -4.45
C LEU B 45 10.90 -2.96 -5.91
N GLU B 46 10.22 -3.76 -6.72
CA GLU B 46 10.20 -3.57 -8.17
C GLU B 46 8.80 -3.69 -8.74
N TRP B 47 8.38 -2.67 -9.47
CA TRP B 47 7.12 -2.71 -10.17
C TRP B 47 7.24 -3.72 -11.35
N VAL B 48 6.26 -4.60 -11.42
CA VAL B 48 6.27 -5.68 -12.41
C VAL B 48 5.23 -5.53 -13.52
N ALA B 49 4.02 -5.08 -13.18
CA ALA B 49 2.93 -4.99 -14.17
C ALA B 49 1.75 -4.22 -13.60
N SER B 50 1.01 -3.55 -14.48
CA SER B 50 -0.20 -2.86 -14.08
C SER B 50 -1.30 -3.05 -15.11
N ILE B 51 -2.53 -3.03 -14.61
CA ILE B 51 -3.73 -3.03 -15.43
C ILE B 51 -4.70 -1.96 -14.95
N SER B 52 -5.12 -1.10 -15.84
CA SER B 52 -6.05 -0.01 -15.52
C SER B 52 -7.48 -0.55 -15.46
N GLY B 53 -8.38 0.27 -14.97
CA GLY B 53 -9.79 -0.11 -14.94
C GLY B 53 -10.36 -0.47 -16.30
N GLY B 54 -9.96 0.28 -17.32
CA GLY B 54 -10.37 0.03 -18.69
C GLY B 54 -9.61 -1.08 -19.40
N GLY B 55 -8.65 -1.71 -18.73
CA GLY B 55 -7.93 -2.87 -19.24
C GLY B 55 -6.61 -2.59 -19.94
N SER B 56 -6.11 -1.36 -19.84
CA SER B 56 -4.82 -1.05 -20.45
C SER B 56 -3.75 -1.69 -19.59
N VAL B 57 -2.77 -2.34 -20.22
CA VAL B 57 -1.70 -3.02 -19.53
C VAL B 57 -0.35 -2.33 -19.73
N TYR B 58 0.49 -2.39 -18.70
CA TYR B 58 1.79 -1.74 -18.66
C TYR B 58 2.83 -2.60 -17.96
N TYR B 59 4.05 -2.61 -18.51
CA TYR B 59 5.16 -3.42 -17.99
C TYR B 59 6.47 -2.69 -18.08
N PRO B 60 7.41 -2.98 -17.15
CA PRO B 60 8.77 -2.52 -17.36
C PRO B 60 9.48 -3.36 -18.45
N ASP B 61 10.53 -2.81 -19.03
CA ASP B 61 11.28 -3.51 -20.08
C ASP B 61 11.82 -4.88 -19.63
N SER B 62 12.14 -5.02 -18.35
CA SER B 62 12.71 -6.29 -17.84
C SER B 62 11.78 -7.50 -17.96
N VAL B 63 10.46 -7.28 -17.94
CA VAL B 63 9.49 -8.37 -18.07
C VAL B 63 8.64 -8.33 -19.34
N LYS B 64 8.77 -7.26 -20.13
CA LYS B 64 7.92 -7.10 -21.32
C LYS B 64 8.13 -8.25 -22.28
N GLY B 65 7.02 -8.86 -22.69
CA GLY B 65 7.06 -10.01 -23.57
C GLY B 65 7.27 -11.35 -22.89
N ARG B 66 7.50 -11.34 -21.58
CA ARG B 66 7.59 -12.57 -20.76
C ARG B 66 6.41 -12.68 -19.80
N PHE B 67 5.98 -11.53 -19.28
CA PHE B 67 4.89 -11.50 -18.30
C PHE B 67 3.62 -10.93 -18.91
N THR B 68 2.47 -11.44 -18.46
CA THR B 68 1.18 -10.97 -18.93
C THR B 68 0.27 -10.80 -17.73
N ILE B 69 -0.21 -9.57 -17.52
CA ILE B 69 -1.18 -9.27 -16.48
C ILE B 69 -2.57 -9.36 -17.14
N SER B 70 -3.52 -9.94 -16.42
CA SER B 70 -4.87 -10.08 -16.91
C SER B 70 -5.84 -10.17 -15.74
N ARG B 71 -7.11 -10.12 -16.06
CA ARG B 71 -8.09 -10.22 -15.00
C ARG B 71 -9.32 -10.98 -15.43
N ASP B 72 -10.06 -11.47 -14.43
CA ASP B 72 -11.38 -12.01 -14.62
C ASP B 72 -12.31 -11.21 -13.71
N THR B 73 -12.99 -10.23 -14.30
CA THR B 73 -13.80 -9.28 -13.53
C THR B 73 -14.93 -9.95 -12.75
N ALA B 74 -15.61 -10.89 -13.38
CA ALA B 74 -16.66 -11.66 -12.73
C ALA B 74 -16.17 -12.49 -11.54
N GLY B 75 -14.91 -12.91 -11.60
CA GLY B 75 -14.32 -13.70 -10.52
C GLY B 75 -13.56 -12.88 -9.49
N ASP B 76 -13.41 -11.58 -9.72
CA ASP B 76 -12.63 -10.67 -8.84
C ASP B 76 -11.20 -11.22 -8.64
N ILE B 77 -10.61 -11.68 -9.73
CA ILE B 77 -9.28 -12.29 -9.71
CA ILE B 77 -9.28 -12.27 -9.67
C ILE B 77 -8.35 -11.63 -10.71
N LEU B 78 -7.15 -11.30 -10.25
CA LEU B 78 -6.09 -10.71 -11.06
C LEU B 78 -5.03 -11.79 -11.25
N PHE B 79 -4.49 -11.88 -12.46
CA PHE B 79 -3.49 -12.86 -12.79
C PHE B 79 -2.17 -12.26 -13.23
N LEU B 80 -1.10 -13.03 -13.03
CA LEU B 80 0.19 -12.72 -13.67
C LEU B 80 0.76 -13.98 -14.26
N GLN B 81 0.82 -14.05 -15.58
CA GLN B 81 1.43 -15.21 -16.25
C GLN B 81 2.87 -14.84 -16.46
N MET B 82 3.78 -15.71 -16.01
CA MET B 82 5.21 -15.42 -16.11
C MET B 82 5.86 -16.49 -16.95
N ASN B 83 6.46 -16.09 -18.05
CA ASN B 83 7.19 -17.03 -18.92
C ASN B 83 8.68 -16.75 -18.96
N SER B 84 9.46 -17.71 -19.46
CA SER B 84 10.92 -17.61 -19.57
C SER B 84 11.55 -17.03 -18.31
N LEU B 85 11.22 -17.63 -17.19
CA LEU B 85 11.66 -17.16 -15.88
C LEU B 85 13.20 -17.18 -15.73
N ARG B 86 13.70 -16.13 -15.07
CA ARG B 86 15.13 -15.93 -14.83
C ARG B 86 15.39 -15.83 -13.33
N SER B 87 16.63 -16.03 -12.91
CA SER B 87 16.92 -15.96 -11.48
C SER B 87 16.54 -14.60 -10.89
N GLU B 88 16.66 -13.52 -11.68
CA GLU B 88 16.30 -12.19 -11.22
C GLU B 88 14.78 -12.04 -10.93
N ASP B 89 13.98 -13.01 -11.37
CA ASP B 89 12.56 -13.01 -11.08
C ASP B 89 12.23 -13.62 -9.72
N SER B 90 13.21 -14.18 -9.05
CA SER B 90 12.99 -14.76 -7.73
C SER B 90 12.66 -13.65 -6.76
N ALA B 91 11.51 -13.76 -6.10
CA ALA B 91 11.00 -12.66 -5.27
C ALA B 91 9.70 -13.05 -4.60
N ILE B 92 9.31 -12.22 -3.64
CA ILE B 92 7.92 -12.22 -3.14
C ILE B 92 7.10 -11.31 -4.07
N TYR B 93 6.02 -11.86 -4.62
CA TYR B 93 5.11 -11.14 -5.52
C TYR B 93 3.87 -10.71 -4.76
N TYR B 94 3.62 -9.40 -4.80
CA TYR B 94 2.43 -8.83 -4.19
C TYR B 94 1.49 -8.26 -5.25
N CYS B 95 0.20 -8.49 -5.03
CA CYS B 95 -0.89 -7.81 -5.70
CA CYS B 95 -0.81 -7.73 -5.79
C CYS B 95 -1.24 -6.53 -4.93
N VAL B 96 -1.45 -5.42 -5.63
CA VAL B 96 -1.72 -4.14 -5.02
C VAL B 96 -2.82 -3.38 -5.76
N ARG B 97 -3.53 -2.54 -5.01
CA ARG B 97 -4.67 -1.78 -5.49
C ARG B 97 -4.45 -0.31 -5.18
N ASP B 98 -4.92 0.54 -6.08
CA ASP B 98 -4.88 1.99 -5.87
C ASP B 98 -5.68 2.46 -4.65
N LEU B 99 -5.32 3.65 -4.15
CA LEU B 99 -6.03 4.28 -3.05
C LEU B 99 -7.49 4.63 -3.40
N TYR B 100 -7.73 5.27 -4.54
CA TYR B 100 -9.05 5.87 -4.85
C TYR B 100 -9.68 5.45 -6.16
N GLY B 101 -8.90 5.01 -7.15
CA GLY B 101 -9.48 4.79 -8.44
C GLY B 101 -8.58 4.30 -9.51
N ASP B 102 -8.75 4.83 -10.71
CA ASP B 102 -8.08 4.32 -11.90
C ASP B 102 -6.73 5.02 -12.12
N TYR B 103 -5.81 4.75 -11.21
CA TYR B 103 -4.40 5.18 -11.28
C TYR B 103 -3.58 3.97 -10.90
N VAL B 104 -2.56 3.64 -11.71
CA VAL B 104 -1.80 2.40 -11.50
C VAL B 104 -0.42 2.59 -10.84
N GLY B 105 -0.12 3.79 -10.35
CA GLY B 105 1.19 4.08 -9.74
C GLY B 105 1.19 4.46 -8.26
N ARG B 106 0.23 3.91 -7.50
CA ARG B 106 0.06 4.24 -6.09
C ARG B 106 -0.50 3.02 -5.36
N TYR B 107 0.25 2.48 -4.40
CA TYR B 107 -0.08 1.13 -3.90
C TYR B 107 -0.61 1.17 -2.46
N ALA B 108 -1.93 1.30 -2.34
CA ALA B 108 -2.60 1.58 -1.06
C ALA B 108 -2.97 0.31 -0.30
N TYR B 109 -3.23 -0.79 -1.00
CA TYR B 109 -3.60 -2.07 -0.39
C TYR B 109 -2.72 -3.14 -1.01
N TRP B 110 -2.16 -4.00 -0.17
CA TRP B 110 -1.23 -5.05 -0.59
C TRP B 110 -1.74 -6.38 -0.07
N GLY B 111 -1.53 -7.44 -0.85
CA GLY B 111 -1.74 -8.79 -0.34
C GLY B 111 -0.58 -9.18 0.58
N GLN B 112 -0.63 -10.41 1.11
CA GLN B 112 0.43 -10.94 1.96
C GLN B 112 1.67 -11.36 1.16
N GLY B 113 1.48 -11.58 -0.14
CA GLY B 113 2.54 -11.92 -1.09
C GLY B 113 2.66 -13.43 -1.29
N THR B 114 3.20 -13.84 -2.43
CA THR B 114 3.43 -15.25 -2.72
C THR B 114 4.86 -15.36 -3.25
N LEU B 115 5.59 -16.39 -2.80
CA LEU B 115 7.01 -16.54 -3.11
C LEU B 115 7.29 -17.35 -4.37
N VAL B 116 8.11 -16.78 -5.26
CA VAL B 116 8.58 -17.41 -6.50
C VAL B 116 10.08 -17.63 -6.39
N ILE B 117 10.53 -18.84 -6.67
CA ILE B 117 11.95 -19.20 -6.60
C ILE B 117 12.31 -19.79 -7.95
N VAL B 118 13.32 -19.22 -8.59
CA VAL B 118 13.78 -19.70 -9.89
C VAL B 118 15.16 -20.33 -9.70
N SER B 119 15.19 -21.65 -9.77
CA SER B 119 16.41 -22.42 -9.52
C SER B 119 16.19 -23.86 -9.97
N ALA B 120 17.29 -24.50 -10.39
CA ALA B 120 17.25 -25.92 -10.75
C ALA B 120 17.50 -26.84 -9.55
N ALA B 121 17.74 -26.28 -8.37
CA ALA B 121 17.96 -27.11 -7.17
C ALA B 121 16.69 -27.90 -6.80
N LYS B 122 16.86 -29.06 -6.20
CA LYS B 122 15.72 -29.96 -6.00
C LYS B 122 15.04 -29.70 -4.66
N THR B 123 13.72 -29.84 -4.68
CA THR B 123 12.92 -29.79 -3.47
C THR B 123 13.34 -30.89 -2.52
N THR B 124 13.58 -30.49 -1.29
CA THR B 124 14.07 -31.40 -0.26
C THR B 124 13.31 -31.11 1.04
N PRO B 125 12.77 -32.15 1.70
CA PRO B 125 12.05 -31.89 2.94
C PRO B 125 13.02 -31.65 4.11
N PRO B 126 12.57 -30.91 5.13
CA PRO B 126 13.38 -30.69 6.30
C PRO B 126 13.40 -31.90 7.19
N SER B 127 14.44 -32.00 8.01
CA SER B 127 14.41 -32.83 9.21
C SER B 127 14.17 -31.89 10.36
N VAL B 128 13.32 -32.28 11.29
CA VAL B 128 12.95 -31.41 12.41
C VAL B 128 13.43 -32.06 13.69
N TYR B 129 14.29 -31.35 14.42
CA TYR B 129 14.92 -31.88 15.61
C TYR B 129 14.57 -31.02 16.82
N PRO B 130 14.24 -31.68 17.94
CA PRO B 130 13.89 -30.97 19.14
C PRO B 130 15.14 -30.49 19.85
N LEU B 131 15.08 -29.31 20.45
CA LEU B 131 16.19 -28.76 21.23
C LEU B 131 15.74 -28.65 22.67
N ALA B 132 16.19 -29.58 23.51
CA ALA B 132 15.83 -29.62 24.93
C ALA B 132 17.10 -29.33 25.74
N PRO B 133 16.96 -28.65 26.89
CA PRO B 133 18.13 -28.25 27.69
C PRO B 133 19.04 -29.41 28.14
N SER B 141 13.59 -19.73 36.68
CA SER B 141 12.13 -19.46 36.59
C SER B 141 11.58 -19.61 35.15
N MET B 142 12.43 -19.34 34.16
CA MET B 142 12.06 -19.48 32.75
C MET B 142 12.95 -20.53 32.09
N VAL B 143 12.42 -21.25 31.11
CA VAL B 143 13.20 -22.25 30.39
C VAL B 143 13.01 -22.06 28.89
N THR B 144 14.12 -22.12 28.14
CA THR B 144 14.10 -21.94 26.71
C THR B 144 14.26 -23.29 26.02
N LEU B 145 13.39 -23.53 25.04
CA LEU B 145 13.38 -24.76 24.25
C LEU B 145 13.44 -24.32 22.83
N GLY B 146 13.63 -25.25 21.91
CA GLY B 146 13.66 -24.87 20.52
C GLY B 146 13.44 -26.03 19.60
N CYS B 147 13.44 -25.70 18.31
CA CYS B 147 13.54 -26.74 17.33
CA CYS B 147 13.39 -26.69 17.24
C CYS B 147 14.35 -26.25 16.16
N LEU B 148 15.03 -27.21 15.56
CA LEU B 148 15.96 -26.97 14.49
C LEU B 148 15.35 -27.62 13.27
N VAL B 149 15.15 -26.82 12.24
CA VAL B 149 14.55 -27.27 10.99
C VAL B 149 15.66 -27.23 9.95
N LYS B 150 16.18 -28.41 9.61
CA LYS B 150 17.43 -28.54 8.85
C LYS B 150 17.28 -29.23 7.49
N GLY B 151 17.92 -28.66 6.48
CA GLY B 151 18.20 -29.36 5.24
C GLY B 151 17.05 -29.38 4.25
N TYR B 152 16.38 -28.23 4.11
CA TYR B 152 15.23 -28.13 3.23
C TYR B 152 15.47 -27.17 2.07
N PHE B 153 14.66 -27.34 1.03
CA PHE B 153 14.64 -26.46 -0.12
C PHE B 153 13.32 -26.68 -0.86
N PRO B 154 12.72 -25.61 -1.40
CA PRO B 154 13.05 -24.18 -1.25
C PRO B 154 12.40 -23.63 0.02
N GLU B 155 12.57 -22.34 0.26
CA GLU B 155 11.71 -21.60 1.19
C GLU B 155 10.25 -21.61 0.70
N PRO B 156 9.28 -21.40 1.62
CA PRO B 156 9.43 -21.18 3.05
C PRO B 156 9.06 -22.39 3.89
N VAL B 157 9.36 -22.28 5.17
CA VAL B 157 8.78 -23.14 6.19
CA VAL B 157 8.75 -23.15 6.17
C VAL B 157 7.99 -22.22 7.13
N THR B 158 6.98 -22.76 7.79
CA THR B 158 6.31 -22.05 8.85
C THR B 158 6.57 -22.86 10.13
N VAL B 159 6.71 -22.15 11.25
CA VAL B 159 6.94 -22.76 12.55
C VAL B 159 6.02 -22.07 13.53
N THR B 160 5.25 -22.86 14.27
CA THR B 160 4.45 -22.34 15.36
C THR B 160 4.73 -23.21 16.57
N TRP B 161 4.28 -22.74 17.73
CA TRP B 161 4.44 -23.46 18.97
C TRP B 161 3.06 -23.65 19.57
N ASN B 162 2.77 -24.89 19.96
CA ASN B 162 1.44 -25.32 20.44
C ASN B 162 0.31 -24.80 19.54
N SER B 163 0.48 -25.02 18.24
CA SER B 163 -0.48 -24.58 17.23
C SER B 163 -0.75 -23.06 17.19
N GLY B 164 0.18 -22.27 17.72
CA GLY B 164 0.07 -20.81 17.70
C GLY B 164 -0.42 -20.26 19.02
N SER B 165 -0.76 -21.17 19.94
CA SER B 165 -1.22 -20.79 21.28
C SER B 165 -0.06 -20.25 22.14
N LEU B 166 1.17 -20.64 21.81
CA LEU B 166 2.37 -20.03 22.38
C LEU B 166 2.89 -18.97 21.40
N SER B 167 2.55 -17.71 21.62
CA SER B 167 2.95 -16.65 20.69
C SER B 167 4.00 -15.73 21.29
N SER B 168 3.96 -15.59 22.61
CA SER B 168 4.95 -14.80 23.33
C SER B 168 6.20 -15.63 23.54
N GLY B 169 7.34 -14.94 23.62
CA GLY B 169 8.61 -15.59 23.91
C GLY B 169 9.13 -16.45 22.78
N VAL B 170 8.62 -16.23 21.57
CA VAL B 170 9.09 -16.97 20.40
C VAL B 170 10.07 -16.12 19.58
N HIS B 171 11.17 -16.73 19.16
CA HIS B 171 12.03 -16.13 18.15
C HIS B 171 12.28 -17.20 17.09
N THR B 172 11.76 -16.96 15.90
CA THR B 172 12.05 -17.83 14.77
C THR B 172 12.99 -17.08 13.86
N PHE B 173 14.17 -17.65 13.64
CA PHE B 173 15.26 -16.95 12.95
C PHE B 173 15.21 -17.17 11.44
N PRO B 174 15.73 -16.20 10.66
CA PRO B 174 15.81 -16.34 9.20
C PRO B 174 16.63 -17.56 8.86
N ALA B 175 16.23 -18.27 7.81
CA ALA B 175 16.95 -19.42 7.33
C ALA B 175 18.31 -19.00 6.73
N VAL B 176 19.30 -19.86 6.91
CA VAL B 176 20.61 -19.67 6.29
C VAL B 176 20.80 -20.80 5.27
N LEU B 177 21.33 -20.44 4.11
CA LEU B 177 21.54 -21.38 2.99
C LEU B 177 22.96 -21.87 2.99
N GLN B 178 23.11 -23.18 2.79
CA GLN B 178 24.40 -23.83 2.67
C GLN B 178 24.23 -25.06 1.78
N SER B 179 24.99 -25.13 0.69
CA SER B 179 25.01 -26.33 -0.17
C SER B 179 23.62 -26.66 -0.66
N ASP B 180 22.95 -25.61 -1.14
CA ASP B 180 21.60 -25.68 -1.70
C ASP B 180 20.54 -26.07 -0.72
N LEU B 181 20.85 -26.08 0.59
CA LEU B 181 19.83 -26.41 1.59
C LEU B 181 19.77 -25.36 2.67
N TYR B 182 18.55 -25.10 3.12
CA TYR B 182 18.29 -24.10 4.14
C TYR B 182 18.19 -24.78 5.48
N THR B 183 18.60 -24.06 6.52
CA THR B 183 18.38 -24.47 7.88
C THR B 183 17.91 -23.27 8.71
N LEU B 184 16.95 -23.51 9.58
CA LEU B 184 16.54 -22.48 10.52
C LEU B 184 16.26 -23.05 11.89
N SER B 185 16.22 -22.15 12.87
CA SER B 185 15.82 -22.55 14.24
CA SER B 185 15.90 -22.49 14.28
C SER B 185 14.80 -21.58 14.83
N SER B 186 14.09 -22.06 15.83
CA SER B 186 13.11 -21.28 16.52
C SER B 186 13.23 -21.61 17.99
N SER B 187 13.22 -20.57 18.82
CA SER B 187 13.28 -20.74 20.26
C SER B 187 11.98 -20.29 20.85
N VAL B 188 11.62 -20.89 21.99
CA VAL B 188 10.44 -20.48 22.75
C VAL B 188 10.85 -20.49 24.21
N THR B 189 10.42 -19.47 24.95
CA THR B 189 10.77 -19.36 26.36
C THR B 189 9.47 -19.40 27.14
N VAL B 190 9.40 -20.29 28.13
CA VAL B 190 8.16 -20.53 28.90
C VAL B 190 8.53 -20.64 30.37
N PRO B 191 7.55 -20.43 31.27
CA PRO B 191 7.85 -20.69 32.68
C PRO B 191 8.26 -22.14 32.95
N SER B 192 9.24 -22.34 33.86
CA SER B 192 9.66 -23.66 34.38
C SER B 192 8.52 -24.56 34.85
N SER B 193 7.52 -23.95 35.46
CA SER B 193 6.35 -24.65 35.97
C SER B 193 5.44 -25.27 34.89
N THR B 194 5.67 -24.93 33.62
CA THR B 194 4.81 -25.39 32.53
C THR B 194 5.47 -26.45 31.65
N TRP B 195 6.79 -26.61 31.81
CA TRP B 195 7.53 -27.62 31.08
C TRP B 195 8.59 -28.21 32.01
N PRO B 196 8.67 -29.55 32.08
CA PRO B 196 8.00 -30.56 31.27
C PRO B 196 6.56 -30.93 31.65
N SER B 197 6.04 -30.35 32.74
CA SER B 197 4.68 -30.64 33.21
C SER B 197 3.65 -30.74 32.11
N GLU B 198 3.74 -29.82 31.15
CA GLU B 198 2.79 -29.73 30.07
C GLU B 198 3.52 -29.83 28.75
N THR B 199 2.76 -30.13 27.71
CA THR B 199 3.34 -30.41 26.42
C THR B 199 3.75 -29.09 25.75
N VAL B 200 4.95 -29.10 25.18
CA VAL B 200 5.39 -28.03 24.27
C VAL B 200 5.82 -28.72 22.99
N THR B 201 5.21 -28.28 21.89
CA THR B 201 5.41 -28.92 20.60
C THR B 201 5.66 -27.85 19.58
N CYS B 202 6.66 -28.06 18.71
CA CYS B 202 6.83 -27.16 17.58
CA CYS B 202 6.83 -27.17 17.56
C CYS B 202 6.14 -27.80 16.37
N ASN B 203 5.39 -26.99 15.62
CA ASN B 203 4.65 -27.43 14.45
C ASN B 203 5.33 -26.81 13.25
N VAL B 204 5.86 -27.65 12.39
CA VAL B 204 6.62 -27.21 11.24
C VAL B 204 5.93 -27.67 9.96
N ALA B 205 5.79 -26.75 9.02
CA ALA B 205 5.21 -27.05 7.71
C ALA B 205 6.16 -26.63 6.61
N HIS B 206 6.37 -27.52 5.65
CA HIS B 206 7.12 -27.20 4.45
C HIS B 206 6.26 -27.61 3.27
N PRO B 207 5.45 -26.64 2.77
CA PRO B 207 4.46 -26.94 1.75
C PRO B 207 5.05 -27.50 0.47
N ALA B 208 6.25 -27.06 0.10
CA ALA B 208 6.89 -27.53 -1.15
C ALA B 208 7.03 -29.06 -1.20
N SER B 209 7.31 -29.67 -0.04
CA SER B 209 7.45 -31.11 0.06
C SER B 209 6.25 -31.77 0.76
N SER B 210 5.17 -31.02 0.96
CA SER B 210 3.97 -31.49 1.68
C SER B 210 4.30 -32.09 3.05
N THR B 211 5.24 -31.47 3.75
CA THR B 211 5.71 -31.96 5.03
C THR B 211 5.00 -31.16 6.13
N LYS B 212 4.44 -31.87 7.11
CA LYS B 212 3.95 -31.27 8.35
C LYS B 212 4.44 -32.16 9.48
N VAL B 213 5.19 -31.58 10.40
CA VAL B 213 5.73 -32.32 11.51
C VAL B 213 5.38 -31.59 12.80
N ASP B 214 4.91 -32.34 13.78
CA ASP B 214 4.75 -31.85 15.15
C ASP B 214 5.80 -32.60 15.96
N LYS B 215 6.76 -31.86 16.51
CA LYS B 215 7.81 -32.43 17.34
C LYS B 215 7.62 -31.94 18.76
N LYS B 216 7.28 -32.87 19.65
CA LYS B 216 7.19 -32.58 21.06
C LYS B 216 8.59 -32.49 21.64
N ILE B 217 8.80 -31.51 22.51
CA ILE B 217 10.07 -31.33 23.17
C ILE B 217 10.05 -32.09 24.49
N VAL B 218 10.87 -33.13 24.58
CA VAL B 218 10.90 -34.03 25.73
C VAL B 218 12.22 -33.84 26.48
N PRO B 219 12.17 -33.79 27.83
CA PRO B 219 13.41 -33.63 28.60
C PRO B 219 14.43 -34.72 28.32
N ARG B 220 15.70 -34.33 28.32
CA ARG B 220 16.81 -35.27 28.30
C ARG B 220 16.88 -35.98 29.64
N ASP C 1 15.44 5.37 -17.33
CA ASP C 1 14.53 5.26 -16.12
C ASP C 1 14.86 6.28 -15.05
N ILE C 2 13.86 6.61 -14.22
CA ILE C 2 14.07 7.53 -13.11
C ILE C 2 14.59 6.75 -11.91
N VAL C 3 15.82 7.08 -11.52
CA VAL C 3 16.47 6.41 -10.40
C VAL C 3 16.14 7.16 -9.14
N MET C 4 15.67 6.44 -8.14
CA MET C 4 15.31 7.01 -6.85
C MET C 4 16.40 6.63 -5.86
N THR C 5 16.94 7.64 -5.16
CA THR C 5 18.02 7.44 -4.22
C THR C 5 17.61 7.87 -2.84
N GLN C 6 17.80 6.98 -1.89
CA GLN C 6 17.53 7.26 -0.50
C GLN C 6 18.84 7.16 0.26
N SER C 7 19.24 8.28 0.83
CA SER C 7 20.55 8.36 1.49
C SER C 7 20.40 9.40 2.58
N PRO C 8 20.70 9.03 3.86
CA PRO C 8 21.30 7.75 4.33
C PRO C 8 20.42 6.50 4.20
N ALA C 9 21.09 5.38 3.94
CA ALA C 9 20.37 4.13 3.72
C ALA C 9 20.10 3.43 5.07
N THR C 10 20.74 3.93 6.13
CA THR C 10 20.44 3.48 7.47
C THR C 10 20.44 4.64 8.46
N LEU C 11 19.56 4.57 9.47
CA LEU C 11 19.47 5.56 10.55
C LEU C 11 19.28 4.85 11.86
N SER C 12 19.89 5.39 12.90
CA SER C 12 19.68 4.94 14.25
C SER C 12 19.22 6.16 15.02
N VAL C 13 18.05 6.06 15.65
CA VAL C 13 17.41 7.21 16.26
C VAL C 13 16.99 6.98 17.70
N THR C 14 16.77 8.07 18.43
CA THR C 14 16.34 8.03 19.81
C THR C 14 14.83 8.29 19.88
N PRO C 15 14.09 7.54 20.70
CA PRO C 15 12.64 7.76 20.77
C PRO C 15 12.34 9.22 21.12
N GLY C 16 11.35 9.81 20.45
CA GLY C 16 11.04 11.23 20.57
C GLY C 16 11.76 12.17 19.60
N ASP C 17 12.80 11.68 18.93
CA ASP C 17 13.50 12.45 17.86
C ASP C 17 12.52 12.83 16.75
N ARG C 18 12.74 13.98 16.14
CA ARG C 18 12.18 14.26 14.84
C ARG C 18 13.15 13.68 13.82
N VAL C 19 12.66 12.75 13.01
CA VAL C 19 13.50 12.02 12.09
C VAL C 19 13.19 12.49 10.68
N SER C 20 14.23 12.76 9.90
CA SER C 20 14.09 13.20 8.52
C SER C 20 14.75 12.20 7.59
N LEU C 21 13.99 11.68 6.64
CA LEU C 21 14.46 10.71 5.67
C LEU C 21 14.44 11.33 4.29
N SER C 22 15.49 11.09 3.52
CA SER C 22 15.68 11.75 2.24
C SER C 22 15.43 10.83 1.04
N CYS C 23 14.78 11.39 0.01
CA CYS C 23 14.61 10.71 -1.27
C CYS C 23 14.90 11.72 -2.37
N ARG C 24 15.73 11.30 -3.33
CA ARG C 24 16.06 12.14 -4.46
C ARG C 24 15.79 11.38 -5.78
N ALA C 25 15.14 12.05 -6.72
CA ALA C 25 14.89 11.48 -8.06
C ALA C 25 15.92 12.02 -9.06
N SER C 26 16.31 11.17 -10.01
CA SER C 26 17.32 11.54 -11.00
C SER C 26 16.79 12.53 -12.05
N GLN C 27 15.46 12.65 -12.15
CA GLN C 27 14.80 13.59 -13.08
C GLN C 27 13.60 14.10 -12.30
N SER C 28 13.04 15.25 -12.69
CA SER C 28 11.90 15.78 -11.99
C SER C 28 10.68 14.87 -12.15
N ILE C 29 9.98 14.66 -11.06
CA ILE C 29 8.73 13.89 -11.05
C ILE C 29 7.57 14.71 -10.46
N GLY C 30 7.72 16.03 -10.41
CA GLY C 30 6.70 16.89 -9.80
C GLY C 30 6.47 16.44 -8.39
N ASP C 31 5.21 16.26 -8.01
CA ASP C 31 4.89 15.73 -6.70
C ASP C 31 4.37 14.29 -6.75
N TYR C 32 4.67 13.56 -7.84
CA TYR C 32 4.18 12.18 -8.00
C TYR C 32 5.15 11.21 -7.33
N LEU C 33 5.19 11.29 -6.00
CA LEU C 33 6.20 10.61 -5.19
C LEU C 33 5.46 10.08 -3.98
N HIS C 34 5.50 8.78 -3.77
CA HIS C 34 4.76 8.20 -2.65
C HIS C 34 5.74 7.51 -1.67
N TRP C 35 5.31 7.40 -0.41
CA TRP C 35 6.16 6.82 0.65
C TRP C 35 5.48 5.63 1.30
N TYR C 36 6.29 4.62 1.63
CA TYR C 36 5.86 3.34 2.16
C TYR C 36 6.68 3.01 3.40
N GLN C 37 6.05 2.34 4.36
CA GLN C 37 6.73 1.77 5.51
C GLN C 37 6.57 0.25 5.44
N GLN C 38 7.64 -0.46 5.69
CA GLN C 38 7.57 -1.90 5.78
C GLN C 38 8.19 -2.39 7.07
N LYS C 39 7.35 -3.00 7.90
CA LYS C 39 7.80 -3.60 9.13
C LYS C 39 8.17 -5.07 8.91
N SER C 40 8.97 -5.61 9.83
CA SER C 40 9.41 -7.01 9.77
CA SER C 40 9.42 -6.99 9.73
C SER C 40 8.25 -7.95 9.54
N HIS C 41 8.37 -8.83 8.54
CA HIS C 41 7.36 -9.87 8.27
C HIS C 41 6.01 -9.36 7.77
N GLU C 42 5.96 -8.12 7.34
CA GLU C 42 4.72 -7.52 6.82
C GLU C 42 4.93 -7.02 5.42
N SER C 43 3.81 -6.84 4.72
CA SER C 43 3.83 -6.15 3.47
C SER C 43 4.04 -4.65 3.70
N PRO C 44 4.58 -3.93 2.70
CA PRO C 44 4.63 -2.49 2.76
C PRO C 44 3.26 -1.85 2.92
N ARG C 45 3.27 -0.65 3.49
CA ARG C 45 2.08 0.13 3.80
C ARG C 45 2.31 1.51 3.27
N LEU C 46 1.33 2.04 2.53
CA LEU C 46 1.38 3.42 2.04
C LEU C 46 1.21 4.40 3.19
N LEU C 47 2.16 5.33 3.32
CA LEU C 47 2.10 6.37 4.37
C LEU C 47 1.66 7.73 3.88
N ILE C 48 2.27 8.16 2.77
CA ILE C 48 2.05 9.49 2.20
C ILE C 48 1.91 9.33 0.70
N ASN C 49 0.96 10.05 0.11
CA ASN C 49 0.92 10.12 -1.37
C ASN C 49 1.11 11.53 -1.90
N TYR C 50 1.59 11.62 -3.13
CA TYR C 50 1.83 12.90 -3.78
C TYR C 50 2.73 13.83 -2.95
N ALA C 51 3.83 13.27 -2.47
CA ALA C 51 4.86 13.95 -1.68
C ALA C 51 4.47 14.40 -0.26
N SER C 52 3.25 14.91 -0.10
CA SER C 52 2.87 15.59 1.15
C SER C 52 1.43 15.35 1.58
N GLN C 53 0.70 14.56 0.81
CA GLN C 53 -0.73 14.43 1.04
C GLN C 53 -0.94 13.25 1.96
N SER C 54 -1.64 13.53 3.06
CA SER C 54 -1.81 12.55 4.11
C SER C 54 -2.93 11.61 3.72
N ILE C 55 -2.93 10.47 4.38
CA ILE C 55 -3.86 9.38 4.12
C ILE C 55 -4.60 8.97 5.39
N SER C 56 -5.90 8.81 5.25
CA SER C 56 -6.79 8.44 6.34
C SER C 56 -6.23 7.18 7.02
N GLY C 57 -6.20 7.17 8.35
CA GLY C 57 -5.66 6.03 9.10
C GLY C 57 -4.19 6.07 9.50
N ILE C 58 -3.38 6.85 8.78
CA ILE C 58 -1.97 6.93 9.10
C ILE C 58 -1.76 7.91 10.27
N PRO C 59 -0.91 7.56 11.25
CA PRO C 59 -0.67 8.52 12.33
C PRO C 59 -0.13 9.88 11.85
N SER C 60 -0.54 10.92 12.58
CA SER C 60 -0.24 12.31 12.28
C SER C 60 1.24 12.63 12.35
N ARG C 61 2.02 11.82 13.06
CA ARG C 61 3.46 12.08 13.20
C ARG C 61 4.19 11.91 11.87
N PHE C 62 3.56 11.27 10.89
CA PHE C 62 4.13 11.11 9.55
C PHE C 62 3.74 12.26 8.64
N SER C 63 4.74 12.91 8.03
CA SER C 63 4.46 13.96 7.04
C SER C 63 5.52 13.97 5.97
N GLY C 64 5.25 14.66 4.88
CA GLY C 64 6.14 14.64 3.73
C GLY C 64 6.22 16.01 3.08
N SER C 65 7.34 16.29 2.42
CA SER C 65 7.48 17.53 1.65
C SER C 65 8.39 17.34 0.43
N GLY C 66 8.28 18.29 -0.50
CA GLY C 66 9.11 18.29 -1.70
C GLY C 66 8.36 18.27 -3.02
N SER C 67 9.04 18.73 -4.06
CA SER C 67 8.51 18.67 -5.41
C SER C 67 9.69 18.70 -6.36
N GLY C 68 9.63 17.89 -7.40
CA GLY C 68 10.62 17.93 -8.45
C GLY C 68 11.57 16.77 -8.29
N SER C 69 12.69 17.01 -7.60
CA SER C 69 13.75 16.02 -7.45
C SER C 69 14.13 15.68 -6.01
N ASP C 70 13.77 16.52 -5.04
CA ASP C 70 14.21 16.36 -3.66
C ASP C 70 13.02 16.27 -2.72
N PHE C 71 12.95 15.18 -1.95
CA PHE C 71 11.78 14.88 -1.10
C PHE C 71 12.23 14.47 0.28
N THR C 72 11.37 14.73 1.27
CA THR C 72 11.65 14.42 2.64
C THR C 72 10.42 13.82 3.32
N LEU C 73 10.61 12.72 4.04
CA LEU C 73 9.63 12.18 4.98
C LEU C 73 10.06 12.53 6.38
N ILE C 74 9.11 13.02 7.19
CA ILE C 74 9.36 13.39 8.57
C ILE C 74 8.54 12.49 9.48
N ILE C 75 9.18 11.93 10.49
CA ILE C 75 8.49 11.26 11.58
C ILE C 75 8.70 12.16 12.79
N ASN C 76 7.64 12.82 13.21
CA ASN C 76 7.74 13.72 14.35
C ASN C 76 7.48 13.04 15.69
N SER C 77 8.56 12.74 16.41
CA SER C 77 8.59 11.98 17.67
C SER C 77 8.42 10.50 17.37
N VAL C 78 9.50 9.97 16.82
CA VAL C 78 9.60 8.57 16.49
C VAL C 78 9.34 7.68 17.73
N GLU C 79 8.68 6.55 17.48
CA GLU C 79 8.27 5.58 18.49
C GLU C 79 8.92 4.23 18.21
N PRO C 80 9.04 3.36 19.24
CA PRO C 80 9.65 2.02 19.03
C PRO C 80 9.03 1.22 17.89
N GLU C 81 7.71 1.34 17.73
CA GLU C 81 7.03 0.62 16.67
C GLU C 81 7.29 1.14 15.24
N ASP C 82 8.04 2.23 15.09
CA ASP C 82 8.36 2.75 13.77
C ASP C 82 9.58 2.06 13.13
N VAL C 83 10.22 1.13 13.83
CA VAL C 83 11.36 0.44 13.25
C VAL C 83 10.89 -0.34 12.03
N GLY C 84 11.72 -0.33 11.00
CA GLY C 84 11.40 -0.92 9.73
C GLY C 84 12.19 -0.26 8.62
N VAL C 85 11.72 -0.46 7.38
CA VAL C 85 12.34 0.11 6.20
C VAL C 85 11.33 1.02 5.53
N TYR C 86 11.80 2.23 5.19
CA TYR C 86 10.98 3.25 4.53
C TYR C 86 11.44 3.38 3.08
N TYR C 87 10.47 3.31 2.16
CA TYR C 87 10.73 3.38 0.72
C TYR C 87 10.00 4.53 0.09
N CYS C 88 10.65 5.20 -0.84
CA CYS C 88 9.96 6.16 -1.68
C CYS C 88 9.75 5.55 -3.07
N GLN C 89 8.83 6.13 -3.83
CA GLN C 89 8.41 5.57 -5.11
C GLN C 89 7.99 6.65 -6.10
N ASN C 90 8.63 6.62 -7.26
CA ASN C 90 8.20 7.34 -8.45
C ASN C 90 6.89 6.74 -8.97
N GLY C 91 5.81 7.53 -8.87
CA GLY C 91 4.52 7.23 -9.48
C GLY C 91 4.16 8.17 -10.62
N HIS C 92 5.18 8.81 -11.18
CA HIS C 92 5.05 9.85 -12.18
C HIS C 92 4.94 9.31 -13.61
N SER C 93 5.84 8.41 -13.96
CA SER C 93 5.98 7.91 -15.32
C SER C 93 6.68 6.57 -15.29
N PHE C 94 6.56 5.84 -16.39
CA PHE C 94 7.05 4.47 -16.49
C PHE C 94 8.54 4.45 -16.87
N PRO C 95 9.27 3.43 -16.40
CA PRO C 95 8.81 2.45 -15.43
C PRO C 95 8.67 3.07 -14.03
N TYR C 96 7.66 2.64 -13.26
CA TYR C 96 7.60 3.07 -11.87
C TYR C 96 8.81 2.47 -11.17
N THR C 97 9.43 3.25 -10.28
CA THR C 97 10.68 2.87 -9.66
C THR C 97 10.63 3.20 -8.17
N PHE C 98 11.30 2.38 -7.39
CA PHE C 98 11.40 2.59 -5.95
C PHE C 98 12.82 2.96 -5.51
N GLY C 99 12.91 3.77 -4.46
CA GLY C 99 14.16 3.96 -3.76
C GLY C 99 14.60 2.66 -3.08
N GLY C 100 15.90 2.57 -2.76
CA GLY C 100 16.46 1.38 -2.11
C GLY C 100 16.08 1.16 -0.67
N GLY C 101 15.44 2.15 -0.08
CA GLY C 101 15.00 2.05 1.28
C GLY C 101 15.97 2.62 2.29
N THR C 102 15.42 3.16 3.35
CA THR C 102 16.20 3.56 4.49
C THR C 102 15.75 2.74 5.69
N LYS C 103 16.71 2.04 6.32
CA LYS C 103 16.42 1.17 7.46
C LYS C 103 16.53 2.02 8.73
N LEU C 104 15.46 1.99 9.52
CA LEU C 104 15.38 2.73 10.74
C LEU C 104 15.45 1.78 11.94
N GLU C 105 16.38 2.07 12.85
CA GLU C 105 16.56 1.34 14.10
C GLU C 105 16.48 2.31 15.24
N ILE C 106 16.03 1.84 16.40
CA ILE C 106 15.81 2.74 17.53
C ILE C 106 16.69 2.41 18.72
N ARG C 107 17.02 3.43 19.51
CA ARG C 107 17.84 3.27 20.68
C ARG C 107 17.01 2.93 21.91
N ARG C 108 17.65 2.21 22.83
CA ARG C 108 17.06 1.87 24.10
C ARG C 108 18.20 1.58 25.09
N ALA C 109 17.85 1.26 26.33
CA ALA C 109 18.82 0.89 27.37
C ALA C 109 19.55 -0.41 27.00
N ASP C 110 20.84 -0.48 27.32
CA ASP C 110 21.61 -1.69 27.07
C ASP C 110 20.99 -2.88 27.79
N ALA C 111 21.05 -4.04 27.16
CA ALA C 111 20.49 -5.27 27.74
C ALA C 111 21.37 -6.45 27.35
N ALA C 112 21.77 -7.22 28.34
CA ALA C 112 22.61 -8.39 28.12
C ALA C 112 21.80 -9.54 27.51
N PRO C 113 22.41 -10.36 26.64
CA PRO C 113 21.67 -11.47 26.05
C PRO C 113 21.34 -12.56 27.05
N THR C 114 20.20 -13.21 26.86
CA THR C 114 19.87 -14.46 27.53
C THR C 114 20.36 -15.60 26.66
N VAL C 115 21.35 -16.32 27.17
CA VAL C 115 22.06 -17.33 26.38
C VAL C 115 21.63 -18.73 26.77
N SER C 116 21.36 -19.56 25.77
CA SER C 116 20.91 -20.94 26.00
C SER C 116 21.65 -21.85 25.00
N ILE C 117 22.20 -22.96 25.50
CA ILE C 117 22.88 -23.93 24.66
C ILE C 117 22.17 -25.29 24.64
N PHE C 118 22.23 -25.96 23.50
CA PHE C 118 21.54 -27.22 23.26
C PHE C 118 22.44 -28.20 22.54
N PRO C 119 22.66 -29.37 23.15
CA PRO C 119 23.35 -30.43 22.44
C PRO C 119 22.53 -30.99 21.28
N PRO C 120 23.20 -31.73 20.40
CA PRO C 120 22.52 -32.45 19.34
C PRO C 120 21.49 -33.41 19.89
N SER C 121 20.34 -33.45 19.23
CA SER C 121 19.27 -34.35 19.61
C SER C 121 19.65 -35.79 19.28
N SER C 122 19.08 -36.72 20.05
CA SER C 122 19.21 -38.14 19.77
C SER C 122 18.79 -38.48 18.34
N GLU C 123 17.72 -37.84 17.87
CA GLU C 123 17.22 -38.06 16.52
C GLU C 123 18.23 -37.64 15.46
N GLN C 124 18.88 -36.50 15.64
CA GLN C 124 19.90 -36.08 14.69
C GLN C 124 21.10 -37.03 14.72
N LEU C 125 21.54 -37.40 15.91
CA LEU C 125 22.73 -38.25 16.04
C LEU C 125 22.53 -39.61 15.32
N THR C 126 21.32 -40.16 15.40
CA THR C 126 20.97 -41.37 14.65
C THR C 126 21.23 -41.23 13.14
N SER C 127 21.03 -40.02 12.62
CA SER C 127 21.24 -39.69 11.22
C SER C 127 22.71 -39.46 10.84
N GLY C 128 23.59 -39.38 11.83
CA GLY C 128 25.03 -39.22 11.57
C GLY C 128 25.52 -37.78 11.62
N GLY C 129 24.62 -36.86 11.94
CA GLY C 129 24.97 -35.43 12.07
C GLY C 129 24.89 -34.95 13.51
N ALA C 130 25.47 -33.79 13.77
CA ALA C 130 25.49 -33.22 15.12
C ALA C 130 25.52 -31.71 15.04
N SER C 131 24.37 -31.08 15.32
CA SER C 131 24.28 -29.63 15.35
C SER C 131 24.12 -29.23 16.82
N VAL C 132 24.97 -28.31 17.25
CA VAL C 132 24.89 -27.71 18.56
C VAL C 132 24.37 -26.28 18.36
N VAL C 133 23.37 -25.87 19.14
CA VAL C 133 22.68 -24.61 18.88
C VAL C 133 22.77 -23.74 20.12
N CYS C 134 23.04 -22.46 19.87
CA CYS C 134 23.07 -21.44 20.91
C CYS C 134 22.12 -20.31 20.52
N PHE C 135 21.20 -19.95 21.43
CA PHE C 135 20.36 -18.77 21.27
C PHE C 135 20.86 -17.68 22.20
N LEU C 136 20.95 -16.47 21.66
CA LEU C 136 21.33 -15.27 22.39
C LEU C 136 20.21 -14.27 22.19
N ASN C 137 19.33 -14.19 23.16
CA ASN C 137 18.05 -13.55 22.95
C ASN C 137 17.87 -12.26 23.75
N ASN C 138 17.24 -11.29 23.08
CA ASN C 138 16.72 -10.05 23.67
C ASN C 138 17.84 -9.18 24.20
N PHE C 139 18.81 -8.88 23.34
CA PHE C 139 19.93 -8.01 23.75
C PHE C 139 19.95 -6.65 23.05
N TYR C 140 20.69 -5.71 23.62
CA TYR C 140 20.91 -4.39 23.01
C TYR C 140 22.21 -3.81 23.57
N PRO C 141 23.07 -3.24 22.73
CA PRO C 141 22.97 -3.02 21.29
C PRO C 141 23.20 -4.29 20.47
N LYS C 142 23.04 -4.15 19.16
CA LYS C 142 23.05 -5.30 18.25
C LYS C 142 24.43 -5.94 18.07
N ASP C 143 25.46 -5.18 18.40
CA ASP C 143 26.85 -5.60 18.18
C ASP C 143 27.18 -6.72 19.17
N ILE C 144 27.65 -7.86 18.67
CA ILE C 144 27.92 -9.01 19.55
C ILE C 144 28.92 -9.93 18.84
N ASN C 145 29.71 -10.68 19.63
CA ASN C 145 30.62 -11.65 19.04
C ASN C 145 30.42 -12.96 19.76
N VAL C 146 30.07 -13.99 19.01
CA VAL C 146 29.82 -15.32 19.55
C VAL C 146 30.91 -16.25 19.10
N LYS C 147 31.50 -16.94 20.07
CA LYS C 147 32.57 -17.89 19.80
C LYS C 147 32.24 -19.21 20.44
N TRP C 148 32.37 -20.25 19.62
CA TRP C 148 32.29 -21.62 20.08
C TRP C 148 33.67 -22.08 20.54
N LYS C 149 33.69 -22.80 21.66
CA LYS C 149 34.91 -23.42 22.15
C LYS C 149 34.66 -24.91 22.34
N ILE C 150 35.47 -25.72 21.68
CA ILE C 150 35.39 -27.17 21.72
C ILE C 150 36.70 -27.66 22.33
N ASP C 151 36.65 -28.12 23.58
CA ASP C 151 37.88 -28.48 24.35
C ASP C 151 39.03 -27.50 24.14
N GLY C 152 38.78 -26.21 24.28
CA GLY C 152 39.82 -25.21 23.95
C GLY C 152 40.46 -25.20 22.55
N SER C 153 39.70 -25.56 21.53
CA SER C 153 39.97 -25.01 20.20
C SER C 153 39.02 -23.84 20.19
N GLU C 154 39.37 -22.79 19.46
CA GLU C 154 38.40 -21.78 19.18
C GLU C 154 38.34 -21.40 17.72
N ARG C 155 38.70 -22.33 16.83
CA ARG C 155 38.45 -22.13 15.41
C ARG C 155 36.97 -22.21 15.15
N GLN C 156 36.40 -21.21 14.46
CA GLN C 156 34.96 -21.13 14.25
C GLN C 156 34.47 -21.82 12.98
N ASN C 157 34.99 -23.02 12.74
CA ASN C 157 34.62 -23.83 11.57
C ASN C 157 33.25 -24.50 11.76
N GLY C 158 32.48 -24.56 10.68
CA GLY C 158 31.15 -25.18 10.68
C GLY C 158 30.06 -24.40 11.42
N VAL C 159 30.26 -23.09 11.60
CA VAL C 159 29.30 -22.27 12.35
C VAL C 159 28.54 -21.44 11.34
N LEU C 160 27.24 -21.35 11.58
CA LEU C 160 26.35 -20.47 10.83
C LEU C 160 25.49 -19.66 11.79
N ASN C 161 25.42 -18.36 11.55
CA ASN C 161 24.69 -17.46 12.41
C ASN C 161 23.44 -16.87 11.71
N SER C 162 22.47 -16.45 12.51
CA SER C 162 21.27 -15.81 12.00
C SER C 162 20.76 -14.81 13.05
N TRP C 163 20.17 -13.71 12.58
CA TRP C 163 19.72 -12.60 13.44
C TRP C 163 18.30 -12.16 13.13
N THR C 164 17.54 -11.82 14.16
CA THR C 164 16.24 -11.24 13.95
C THR C 164 16.39 -9.75 13.70
N ASP C 165 15.38 -9.18 13.06
CA ASP C 165 15.29 -7.74 12.96
C ASP C 165 14.95 -7.20 14.33
N GLN C 166 15.23 -5.94 14.55
CA GLN C 166 14.96 -5.30 15.82
C GLN C 166 13.48 -5.41 16.15
N ASP C 167 13.19 -5.80 17.39
CA ASP C 167 11.83 -5.99 17.85
C ASP C 167 11.03 -4.69 17.93
N SER C 168 9.79 -4.72 17.44
CA SER C 168 8.92 -3.55 17.39
C SER C 168 8.40 -3.12 18.74
N LYS C 169 8.36 -4.06 19.69
CA LYS C 169 7.81 -3.79 21.03
C LYS C 169 8.93 -3.43 22.02
N ASP C 170 10.02 -4.19 22.05
CA ASP C 170 11.04 -3.97 23.09
C ASP C 170 12.39 -3.47 22.57
N SER C 171 12.47 -3.27 21.26
CA SER C 171 13.66 -2.71 20.62
C SER C 171 14.92 -3.54 20.82
N THR C 172 14.79 -4.83 21.13
CA THR C 172 15.93 -5.71 21.28
C THR C 172 16.21 -6.50 20.00
N TYR C 173 17.35 -7.18 20.03
CA TYR C 173 17.83 -8.02 19.00
C TYR C 173 17.99 -9.45 19.52
N SER C 174 17.91 -10.44 18.63
CA SER C 174 18.22 -11.81 18.99
C SER C 174 19.07 -12.46 17.92
N MET C 175 19.75 -13.55 18.31
CA MET C 175 20.68 -14.24 17.44
C MET C 175 20.66 -15.73 17.71
N SER C 176 20.92 -16.52 16.68
CA SER C 176 21.15 -17.95 16.81
C SER C 176 22.48 -18.26 16.19
N SER C 177 23.22 -19.18 16.80
CA SER C 177 24.46 -19.67 16.28
C SER C 177 24.42 -21.19 16.32
N THR C 178 24.74 -21.83 15.20
CA THR C 178 24.68 -23.28 15.09
C THR C 178 25.98 -23.81 14.59
N LEU C 179 26.55 -24.74 15.36
CA LEU C 179 27.80 -25.38 15.06
C LEU C 179 27.44 -26.74 14.54
N THR C 180 27.78 -27.05 13.31
CA THR C 180 27.43 -28.34 12.74
C THR C 180 28.67 -29.15 12.43
N LEU C 181 28.65 -30.40 12.90
CA LEU C 181 29.77 -31.32 12.80
C LEU C 181 29.20 -32.67 12.36
N THR C 182 30.06 -33.57 11.93
CA THR C 182 29.65 -34.97 11.77
C THR C 182 29.52 -35.57 13.17
N LYS C 183 28.78 -36.66 13.29
CA LYS C 183 28.62 -37.31 14.58
C LYS C 183 29.98 -37.75 15.06
N ASP C 184 30.81 -38.25 14.16
CA ASP C 184 32.12 -38.73 14.55
C ASP C 184 33.01 -37.61 15.11
N GLU C 185 33.01 -36.45 14.44
CA GLU C 185 33.69 -35.26 14.92
C GLU C 185 33.16 -34.84 16.29
N TYR C 186 31.84 -34.79 16.41
CA TYR C 186 31.20 -34.39 17.67
C TYR C 186 31.65 -35.25 18.86
N GLU C 187 31.77 -36.55 18.62
CA GLU C 187 32.05 -37.50 19.68
C GLU C 187 33.53 -37.56 20.06
N ARG C 188 34.39 -36.93 19.27
CA ARG C 188 35.81 -36.79 19.61
C ARG C 188 36.07 -35.80 20.74
N HIS C 189 35.07 -35.01 21.13
CA HIS C 189 35.29 -33.94 22.11
C HIS C 189 34.25 -33.96 23.21
N ASN C 190 34.61 -33.37 24.35
CA ASN C 190 33.79 -33.38 25.54
C ASN C 190 33.11 -32.05 25.85
N SER C 191 33.89 -30.98 25.90
CA SER C 191 33.39 -29.70 26.40
C SER C 191 32.94 -28.82 25.27
N TYR C 192 31.67 -28.42 25.28
CA TYR C 192 31.12 -27.51 24.27
C TYR C 192 30.64 -26.24 24.94
N THR C 193 31.15 -25.10 24.47
CA THR C 193 30.83 -23.80 25.04
C THR C 193 30.44 -22.81 23.96
N CYS C 194 29.37 -22.07 24.25
CA CYS C 194 28.92 -20.92 23.49
C CYS C 194 29.26 -19.70 24.33
N GLU C 195 30.13 -18.82 23.82
CA GLU C 195 30.61 -17.66 24.57
C GLU C 195 30.21 -16.38 23.87
N ALA C 196 29.52 -15.49 24.57
CA ALA C 196 29.06 -14.24 24.00
C ALA C 196 29.78 -13.04 24.60
N THR C 197 30.42 -12.26 23.74
CA THR C 197 31.05 -11.02 24.15
C THR C 197 30.12 -9.87 23.74
N HIS C 198 29.75 -9.07 24.73
CA HIS C 198 28.80 -8.00 24.55
C HIS C 198 29.16 -6.85 25.49
N LYS C 199 28.86 -5.62 25.04
CA LYS C 199 29.22 -4.40 25.78
C LYS C 199 28.73 -4.39 27.22
N THR C 200 27.64 -5.10 27.50
CA THR C 200 27.05 -5.12 28.83
C THR C 200 27.90 -5.78 29.93
N SER C 201 28.96 -6.49 29.55
CA SER C 201 29.85 -7.14 30.52
C SER C 201 31.30 -7.11 30.03
N THR C 202 32.23 -6.85 30.94
CA THR C 202 33.65 -6.98 30.63
C THR C 202 34.02 -8.47 30.50
N SER C 203 33.24 -9.34 31.14
CA SER C 203 33.41 -10.77 31.04
C SER C 203 32.37 -11.39 30.12
N PRO C 204 32.79 -12.32 29.24
CA PRO C 204 31.80 -12.94 28.38
C PRO C 204 30.76 -13.79 29.12
N ILE C 205 29.58 -13.92 28.55
CA ILE C 205 28.57 -14.85 29.06
C ILE C 205 28.88 -16.20 28.44
N VAL C 206 29.01 -17.22 29.27
CA VAL C 206 29.42 -18.55 28.86
C VAL C 206 28.31 -19.55 29.20
N LYS C 207 27.88 -20.34 28.22
CA LYS C 207 27.04 -21.49 28.47
C LYS C 207 27.68 -22.69 27.85
N SER C 208 27.66 -23.80 28.58
CA SER C 208 28.42 -24.96 28.18
C SER C 208 27.73 -26.24 28.63
N PHE C 209 28.08 -27.33 27.99
CA PHE C 209 27.79 -28.65 28.50
C PHE C 209 28.98 -29.55 28.21
N ASN C 210 29.05 -30.63 28.98
CA ASN C 210 29.99 -31.70 28.72
C ASN C 210 29.19 -32.84 28.14
N ARG C 211 29.67 -33.39 27.04
CA ARG C 211 28.93 -34.37 26.25
C ARG C 211 28.48 -35.55 27.12
N ASN C 212 29.24 -35.84 28.19
CA ASN C 212 28.78 -36.73 29.27
C ASN C 212 27.58 -36.11 30.04
C ACT D . -23.24 27.37 3.44
O ACT D . -24.23 27.69 2.72
OXT ACT D . -23.49 26.55 4.35
CH3 ACT D . -21.84 27.90 3.23
#